data_6YJQ
#
_entry.id   6YJQ
#
_cell.length_a   47.000
_cell.length_b   68.170
_cell.length_c   90.990
_cell.angle_alpha   108.360
_cell.angle_beta   92.280
_cell.angle_gamma   106.860
#
_symmetry.space_group_name_H-M   'P 1'
#
loop_
_entity.id
_entity.type
_entity.pdbx_description
1 polymer 'Alpha-1,6-mannosylglycoprotein 6-beta-N-acetylglucosaminyltransferase A,Alpha-1,6-mannosylglycoprotein 6-beta-N-acetylglucosaminyltransferase A'
2 non-polymer 1,2-ETHANEDIOL
3 non-polymer 'SULFATE ION'
4 non-polymer 2-acetamido-2-deoxy-beta-D-glucopyranose
5 water water
#
_entity_poly.entity_id   1
_entity_poly.type   'polypeptide(L)'
_entity_poly.pdbx_seq_one_letter_code
;SLAEIRTDFNILYSMMKKHEEFRWMRLRIRRMADAWIQAIKSLAEKQNLEKRKRKKVLVHLGLLTKESGFKIAETAFSGG
PLGELVQWSDLITSLYLLGHDIRISASLAELKEIMGGGGVELIYIDIVGLAQFKKTLGPSWVHYQCMLRVLDSFGTEPEF
NHANYAQSKGHKTPWGKWNLNPQQFYTMFPHTPDNSFLGFVVEQHLNSSDIHHINEIKRQNQSLVYGKVDSFWKNKKIYL
DIIHTYMEVHATVYGSSTKNIPSYVKNHGILSGRDLQFLLRETKLFVGLGFPYEGPAPLEAIANGCAFLNPKFNPPKSSK
NTDFFIGKPTLRELTSQHPYAEVFIGRPHVWTVDLNNQEEVEDAVKAILNQKIEPYMPYEFTCEGMLQRINAFIEKQDFC
HGQVMWPPLSALQVKLAEPGQSCKQVCQESQLICEPSFFQHLNKDKDMLKYKVTCQSSELAKDILVPSFDPKNKHCVFQG
DLLLFSCAGAHPRHQRVCPCRDFIKGQVALCKDCL
;
_entity_poly.pdbx_strand_id   AAA,BBB
#
loop_
_chem_comp.id
_chem_comp.type
_chem_comp.name
_chem_comp.formula
EDO non-polymer 1,2-ETHANEDIOL 'C2 H6 O2'
NAG D-saccharide, beta linking 2-acetamido-2-deoxy-beta-D-glucopyranose 'C8 H15 N O6'
SO4 non-polymer 'SULFATE ION' 'O4 S -2'
#
# COMPACT_ATOMS: atom_id res chain seq x y z
N SER A 1 -1.40 38.52 18.86
CA SER A 1 -0.27 38.36 17.93
C SER A 1 0.85 37.51 18.55
N LEU A 2 0.65 36.91 19.74
CA LEU A 2 1.64 35.96 20.32
C LEU A 2 1.26 34.54 19.85
N ALA A 3 2.25 33.71 19.50
CA ALA A 3 2.04 32.31 19.07
C ALA A 3 1.56 31.48 20.27
N GLU A 4 0.48 30.71 20.06
CA GLU A 4 -0.02 29.70 21.03
C GLU A 4 0.15 28.31 20.40
N ILE A 5 0.77 27.38 21.12
CA ILE A 5 0.97 25.99 20.65
C ILE A 5 -0.40 25.38 20.32
N ARG A 6 -0.45 24.51 19.30
CA ARG A 6 -1.66 23.77 18.91
C ARG A 6 -1.50 22.31 19.36
N THR A 7 -2.58 21.70 19.84
CA THR A 7 -2.57 20.31 20.40
C THR A 7 -3.64 19.47 19.72
N ASP A 8 -4.24 19.99 18.65
CA ASP A 8 -5.35 19.39 17.88
C ASP A 8 -5.05 19.60 16.38
N PHE A 9 -5.21 18.57 15.54
CA PHE A 9 -4.83 18.62 14.10
C PHE A 9 -6.01 18.90 13.18
N ASN A 10 -7.22 19.17 13.71
CA ASN A 10 -8.44 19.29 12.87
C ASN A 10 -8.22 20.36 11.80
N ILE A 11 -7.74 21.54 12.18
CA ILE A 11 -7.51 22.67 11.23
C ILE A 11 -6.43 22.26 10.21
N LEU A 12 -5.34 21.61 10.65
CA LEU A 12 -4.25 21.21 9.73
C LEU A 12 -4.85 20.29 8.66
N TYR A 13 -5.55 19.22 9.08
CA TYR A 13 -6.22 18.24 8.17
C TYR A 13 -7.05 18.99 7.13
N SER A 14 -7.87 19.96 7.55
CA SER A 14 -8.74 20.78 6.66
C SER A 14 -7.90 21.51 5.60
N MET A 15 -6.68 21.94 5.96
CA MET A 15 -5.84 22.80 5.08
C MET A 15 -5.15 21.90 4.05
N MET A 16 -4.74 20.70 4.46
CA MET A 16 -3.99 19.78 3.58
C MET A 16 -4.95 19.05 2.62
N LYS A 17 -6.21 18.86 3.05
CA LYS A 17 -7.31 18.27 2.23
C LYS A 17 -7.56 19.08 0.96
N LYS A 18 -7.13 20.36 0.92
CA LYS A 18 -7.27 21.27 -0.24
C LYS A 18 -6.33 20.87 -1.39
N HIS A 19 -5.31 20.03 -1.16
CA HIS A 19 -4.37 19.56 -2.22
C HIS A 19 -4.23 18.03 -2.13
N GLU A 20 -4.55 17.39 -3.24
CA GLU A 20 -4.61 15.91 -3.41
C GLU A 20 -3.26 15.29 -3.02
N GLU A 21 -2.15 15.98 -3.26
CA GLU A 21 -0.79 15.41 -3.04
C GLU A 21 -0.55 15.22 -1.54
N PHE A 22 -1.27 15.93 -0.66
CA PHE A 22 -1.10 15.83 0.81
C PHE A 22 -1.80 14.59 1.38
N ARG A 23 -2.40 13.76 0.54
CA ARG A 23 -3.35 12.72 0.99
C ARG A 23 -2.59 11.72 1.87
N TRP A 24 -1.46 11.20 1.39
CA TRP A 24 -0.67 10.16 2.11
C TRP A 24 0.12 10.81 3.26
N MET A 25 0.39 12.13 3.20
CA MET A 25 0.93 12.93 4.32
C MET A 25 -0.07 12.93 5.48
N ARG A 26 -1.36 13.13 5.22
CA ARG A 26 -2.40 13.21 6.28
C ARG A 26 -2.47 11.88 7.02
N LEU A 27 -2.38 10.77 6.28
CA LEU A 27 -2.32 9.41 6.84
C LEU A 27 -1.12 9.34 7.81
N ARG A 28 0.05 9.80 7.37
CA ARG A 28 1.30 9.74 8.17
C ARG A 28 1.12 10.58 9.44
N ILE A 29 0.55 11.78 9.32
CA ILE A 29 0.29 12.68 10.47
C ILE A 29 -0.63 11.96 11.45
N ARG A 30 -1.74 11.38 10.98
CA ARG A 30 -2.68 10.59 11.82
C ARG A 30 -1.91 9.49 12.56
N ARG A 31 -1.07 8.72 11.87
CA ARG A 31 -0.25 7.67 12.54
C ARG A 31 0.67 8.26 13.62
N MET A 32 1.23 9.45 13.36
CA MET A 32 2.29 10.09 14.19
C MET A 32 1.69 11.13 15.15
N ALA A 33 0.36 11.37 15.08
CA ALA A 33 -0.30 12.50 15.76
C ALA A 33 0.01 12.49 17.26
N ASP A 34 -0.12 11.36 17.92
CA ASP A 34 0.09 11.27 19.40
C ASP A 34 1.54 11.63 19.72
N ALA A 35 2.50 11.20 18.89
CA ALA A 35 3.94 11.51 19.04
C ALA A 35 4.15 13.04 18.94
N TRP A 36 3.54 13.68 17.95
CA TRP A 36 3.67 15.13 17.68
C TRP A 36 3.12 15.91 18.89
N ILE A 37 1.94 15.54 19.35
CA ILE A 37 1.25 16.30 20.42
C ILE A 37 2.03 16.15 21.73
N GLN A 38 2.49 14.94 22.10
CA GLN A 38 3.35 14.75 23.29
C GLN A 38 4.60 15.62 23.17
N ALA A 39 5.15 15.75 21.95
CA ALA A 39 6.41 16.48 21.70
C ALA A 39 6.21 17.99 21.91
N ILE A 40 5.14 18.58 21.39
CA ILE A 40 4.98 20.06 21.51
C ILE A 40 4.67 20.40 22.96
N LYS A 41 3.93 19.56 23.67
CA LYS A 41 3.63 19.79 25.12
C LYS A 41 4.90 19.61 25.94
N SER A 42 5.71 18.59 25.65
CA SER A 42 6.99 18.32 26.35
C SER A 42 7.98 19.50 26.13
N LEU A 43 8.11 19.98 24.88
CA LEU A 43 9.01 21.12 24.57
C LEU A 43 8.54 22.36 25.36
N ALA A 44 7.24 22.66 25.40
CA ALA A 44 6.68 23.88 26.02
C ALA A 44 6.89 23.83 27.55
N GLU A 45 6.94 22.66 28.14
CA GLU A 45 7.16 22.48 29.60
C GLU A 45 8.65 22.64 29.92
N LYS A 46 9.55 22.36 28.97
CA LYS A 46 11.01 22.27 29.24
C LYS A 46 11.73 23.58 28.85
N GLN A 47 11.20 24.28 27.84
CA GLN A 47 11.81 25.47 27.20
C GLN A 47 10.76 26.56 27.13
N ASN A 48 11.19 27.81 27.20
CA ASN A 48 10.30 28.98 27.13
C ASN A 48 9.80 29.17 25.69
N LEU A 49 8.53 28.84 25.43
CA LEU A 49 7.85 29.08 24.12
C LEU A 49 6.88 30.24 24.29
N GLU A 50 6.87 30.88 25.45
CA GLU A 50 6.05 32.08 25.74
C GLU A 50 6.62 33.28 24.97
N LYS A 51 5.76 34.22 24.60
CA LYS A 51 6.14 35.56 24.10
C LYS A 51 6.89 35.40 22.76
N ARG A 52 6.51 34.41 21.96
CA ARG A 52 6.95 34.33 20.54
C ARG A 52 5.90 35.07 19.70
N LYS A 53 6.34 35.94 18.80
CA LYS A 53 5.44 36.55 17.79
C LYS A 53 4.87 35.43 16.92
N ARG A 54 3.56 35.45 16.72
CA ARG A 54 2.87 34.64 15.68
C ARG A 54 3.28 35.18 14.32
N LYS A 55 3.90 34.36 13.48
CA LYS A 55 4.37 34.80 12.15
C LYS A 55 3.34 34.40 11.10
N LYS A 56 3.14 35.25 10.10
CA LYS A 56 2.46 34.87 8.85
C LYS A 56 3.51 34.22 7.96
N VAL A 57 3.32 32.94 7.63
CA VAL A 57 4.35 32.12 6.93
C VAL A 57 3.77 31.66 5.60
N LEU A 58 4.45 31.99 4.51
CA LEU A 58 4.18 31.39 3.18
C LEU A 58 4.96 30.09 3.12
N VAL A 59 4.25 29.01 2.77
CA VAL A 59 4.84 27.71 2.36
C VAL A 59 4.44 27.51 0.91
N HIS A 60 5.39 27.67 -0.02
CA HIS A 60 5.13 27.49 -1.46
C HIS A 60 5.83 26.23 -1.93
N LEU A 61 5.05 25.18 -2.23
CA LEU A 61 5.58 23.88 -2.71
C LEU A 61 5.61 23.91 -4.24
N GLY A 62 6.72 24.40 -4.78
CA GLY A 62 6.98 24.45 -6.23
C GLY A 62 6.76 23.10 -6.86
N LEU A 63 7.14 22.04 -6.14
CA LEU A 63 7.15 20.66 -6.70
C LEU A 63 5.71 20.17 -6.91
N LEU A 64 4.70 20.73 -6.22
CA LEU A 64 3.27 20.36 -6.38
C LEU A 64 2.59 21.17 -7.50
N THR A 65 3.26 22.13 -8.13
CA THR A 65 2.63 23.02 -9.17
C THR A 65 2.47 22.25 -10.48
N LEU A 82 7.82 10.72 -1.70
CA LEU A 82 9.26 11.09 -1.80
C LEU A 82 9.72 11.60 -0.43
N GLY A 83 11.03 11.54 -0.16
CA GLY A 83 11.66 12.23 1.00
C GLY A 83 11.27 13.70 1.07
N GLU A 84 11.19 14.38 -0.07
CA GLU A 84 10.90 15.84 -0.13
C GLU A 84 9.52 16.09 0.47
N LEU A 85 8.55 15.21 0.17
CA LEU A 85 7.13 15.35 0.61
C LEU A 85 7.04 15.09 2.11
N VAL A 86 7.82 14.15 2.62
CA VAL A 86 7.96 13.87 4.08
C VAL A 86 8.51 15.14 4.76
N GLN A 87 9.58 15.71 4.22
CA GLN A 87 10.18 16.93 4.83
C GLN A 87 9.16 18.07 4.83
N TRP A 88 8.47 18.33 3.71
CA TRP A 88 7.43 19.38 3.67
C TRP A 88 6.39 19.14 4.74
N SER A 89 5.90 17.90 4.84
CA SER A 89 4.81 17.54 5.77
C SER A 89 5.27 17.79 7.20
N ASP A 90 6.50 17.40 7.55
CA ASP A 90 7.03 17.60 8.93
C ASP A 90 7.28 19.11 9.20
N LEU A 91 7.74 19.86 8.20
CA LEU A 91 7.93 21.32 8.37
C LEU A 91 6.55 21.97 8.66
N ILE A 92 5.58 21.71 7.79
CA ILE A 92 4.21 22.30 7.94
C ILE A 92 3.64 21.92 9.31
N THR A 93 3.79 20.66 9.73
CA THR A 93 3.28 20.14 11.02
C THR A 93 3.94 20.91 12.17
N SER A 94 5.26 21.10 12.11
CA SER A 94 6.04 21.79 13.15
C SER A 94 5.55 23.25 13.24
N LEU A 95 5.38 23.90 12.10
CA LEU A 95 4.96 25.33 12.04
C LEU A 95 3.60 25.46 12.73
N TYR A 96 2.72 24.50 12.46
CA TYR A 96 1.32 24.44 12.94
C TYR A 96 1.28 24.26 14.46
N LEU A 97 2.06 23.30 14.98
CA LEU A 97 2.13 23.00 16.43
C LEU A 97 2.73 24.19 17.20
N LEU A 98 3.65 24.94 16.57
CA LEU A 98 4.34 26.09 17.19
C LEU A 98 3.44 27.33 17.21
N GLY A 99 2.34 27.35 16.45
CA GLY A 99 1.28 28.35 16.59
C GLY A 99 1.29 29.36 15.48
N HIS A 100 2.13 29.15 14.45
CA HIS A 100 2.31 30.15 13.39
C HIS A 100 1.09 30.12 12.48
N ASP A 101 0.89 31.21 11.75
CA ASP A 101 -0.26 31.37 10.82
C ASP A 101 0.25 30.99 9.44
N ILE A 102 -0.08 29.78 8.99
CA ILE A 102 0.52 29.18 7.77
C ILE A 102 -0.40 29.43 6.59
N ARG A 103 0.15 29.90 5.48
CA ARG A 103 -0.60 30.05 4.21
C ARG A 103 0.06 29.13 3.19
N ILE A 104 -0.60 28.01 2.84
CA ILE A 104 -0.04 26.97 1.94
C ILE A 104 -0.36 27.34 0.50
N SER A 105 0.63 27.21 -0.39
CA SER A 105 0.52 27.54 -1.83
C SER A 105 1.06 26.38 -2.64
N ALA A 106 0.30 25.89 -3.63
CA ALA A 106 0.78 24.87 -4.59
C ALA A 106 0.45 25.31 -6.02
N SER A 107 0.26 26.61 -6.23
CA SER A 107 -0.04 27.20 -7.57
C SER A 107 0.56 28.60 -7.64
N LEU A 108 0.79 29.09 -8.85
CA LEU A 108 1.22 30.50 -9.08
C LEU A 108 0.14 31.45 -8.53
N ALA A 109 -1.14 31.10 -8.66
CA ALA A 109 -2.27 31.98 -8.27
C ALA A 109 -2.30 32.14 -6.74
N GLU A 110 -2.14 31.06 -5.98
CA GLU A 110 -2.10 31.16 -4.49
C GLU A 110 -0.89 32.02 -4.08
N LEU A 111 0.25 31.79 -4.74
CA LEU A 111 1.52 32.49 -4.42
C LEU A 111 1.31 34.01 -4.59
N LYS A 112 0.80 34.42 -5.75
CA LYS A 112 0.47 35.84 -6.07
C LYS A 112 -0.46 36.41 -5.00
N GLU A 113 -1.52 35.67 -4.66
CA GLU A 113 -2.59 36.09 -3.73
C GLU A 113 -2.02 36.25 -2.31
N ILE A 114 -1.24 35.28 -1.83
CA ILE A 114 -0.73 35.34 -0.43
C ILE A 114 0.24 36.54 -0.34
N MET A 115 1.15 36.68 -1.30
CA MET A 115 2.15 37.78 -1.31
C MET A 115 1.42 39.11 -1.60
N GLY A 116 0.40 39.09 -2.47
CA GLY A 116 -0.51 40.22 -2.71
C GLY A 116 -0.98 40.87 -1.42
N GLY A 117 -1.47 40.06 -0.46
CA GLY A 117 -2.04 40.52 0.81
C GLY A 117 -1.05 41.11 1.79
N GLY A 118 0.27 40.90 1.63
CA GLY A 118 1.31 41.52 2.48
C GLY A 118 1.36 40.92 3.88
N GLY A 119 2.21 41.45 4.76
CA GLY A 119 2.36 40.95 6.14
C GLY A 119 3.14 39.63 6.23
N VAL A 120 3.61 39.08 5.12
CA VAL A 120 4.41 37.82 5.14
C VAL A 120 5.72 38.09 5.89
N GLU A 121 6.05 37.28 6.89
CA GLU A 121 7.25 37.46 7.72
C GLU A 121 8.30 36.37 7.46
N LEU A 122 7.94 35.30 6.75
CA LEU A 122 8.82 34.11 6.63
C LEU A 122 8.32 33.28 5.47
N ILE A 123 9.25 32.77 4.65
CA ILE A 123 8.90 32.03 3.41
C ILE A 123 9.71 30.74 3.34
N TYR A 124 9.00 29.62 3.31
CA TYR A 124 9.57 28.29 3.02
C TYR A 124 9.18 27.92 1.59
N ILE A 125 10.16 27.54 0.82
CA ILE A 125 10.01 27.38 -0.66
C ILE A 125 11.08 26.39 -1.11
N ASP A 126 10.85 25.75 -2.27
CA ASP A 126 11.84 24.80 -2.83
C ASP A 126 12.50 25.51 -4.02
N ILE A 127 13.44 24.83 -4.67
CA ILE A 127 14.26 25.42 -5.76
C ILE A 127 13.37 25.78 -6.95
N VAL A 128 12.49 24.86 -7.36
CA VAL A 128 11.47 25.10 -8.44
C VAL A 128 10.57 26.26 -8.01
N GLY A 129 10.14 26.27 -6.74
CA GLY A 129 9.28 27.33 -6.19
C GLY A 129 9.99 28.68 -6.27
N LEU A 130 11.31 28.70 -6.01
CA LEU A 130 12.06 29.98 -5.94
C LEU A 130 12.03 30.65 -7.32
N ALA A 131 12.25 29.91 -8.41
CA ALA A 131 12.19 30.45 -9.79
C ALA A 131 10.80 31.03 -10.04
N GLN A 132 9.76 30.40 -9.49
CA GLN A 132 8.36 30.85 -9.67
C GLN A 132 8.14 32.13 -8.88
N PHE A 133 8.76 32.23 -7.71
CA PHE A 133 8.70 33.40 -6.81
C PHE A 133 9.25 34.62 -7.56
N LYS A 134 10.44 34.47 -8.15
CA LYS A 134 11.12 35.56 -8.87
C LYS A 134 10.25 35.99 -10.08
N LYS A 135 9.76 35.03 -10.86
CA LYS A 135 8.95 35.33 -12.09
C LYS A 135 7.63 35.99 -11.68
N THR A 136 6.95 35.48 -10.67
CA THR A 136 5.57 35.92 -10.30
C THR A 136 5.62 37.32 -9.67
N LEU A 137 6.56 37.59 -8.75
CA LEU A 137 6.60 38.89 -8.02
C LEU A 137 7.26 39.99 -8.87
N GLY A 138 8.14 39.60 -9.80
CA GLY A 138 8.99 40.52 -10.58
C GLY A 138 10.15 41.05 -9.74
N PRO A 139 10.76 42.19 -10.15
CA PRO A 139 11.99 42.69 -9.54
C PRO A 139 11.94 42.88 -8.02
N SER A 140 10.76 43.14 -7.43
CA SER A 140 10.65 43.31 -5.96
C SER A 140 10.72 41.96 -5.22
N TRP A 141 10.87 40.84 -5.93
CA TRP A 141 11.11 39.53 -5.26
C TRP A 141 12.28 39.67 -4.27
N VAL A 142 13.27 40.49 -4.57
CA VAL A 142 14.49 40.67 -3.74
C VAL A 142 14.12 41.35 -2.43
N HIS A 143 13.00 42.07 -2.37
CA HIS A 143 12.56 42.74 -1.13
C HIS A 143 12.36 41.69 -0.05
N TYR A 144 11.97 40.47 -0.44
CA TYR A 144 11.59 39.38 0.50
C TYR A 144 12.76 38.41 0.69
N GLN A 145 13.89 38.64 0.02
CA GLN A 145 14.98 37.63 -0.12
C GLN A 145 15.44 37.15 1.26
N CYS A 146 15.54 38.03 2.25
CA CYS A 146 16.11 37.69 3.59
C CYS A 146 15.15 36.80 4.37
N MET A 147 13.87 36.72 3.99
CA MET A 147 12.84 35.88 4.64
C MET A 147 12.78 34.48 4.02
N LEU A 148 13.49 34.22 2.91
CA LEU A 148 13.47 32.91 2.22
C LEU A 148 14.25 31.88 3.03
N ARG A 149 13.65 30.70 3.15
CA ARG A 149 14.25 29.44 3.64
C ARG A 149 13.98 28.39 2.57
N VAL A 150 15.03 27.94 1.90
CA VAL A 150 14.91 27.22 0.60
C VAL A 150 15.21 25.76 0.85
N LEU A 151 14.18 24.92 0.78
CA LEU A 151 14.33 23.47 1.01
C LEU A 151 15.08 22.90 -0.18
N ASP A 152 16.27 22.37 0.10
CA ASP A 152 17.24 21.97 -0.95
C ASP A 152 18.02 20.75 -0.45
N SER A 153 17.56 19.55 -0.78
CA SER A 153 17.92 18.28 -0.10
C SER A 153 19.43 18.10 0.02
N PHE A 154 20.12 18.13 -1.12
CA PHE A 154 21.56 17.77 -1.29
C PHE A 154 22.45 18.97 -1.01
N GLY A 155 21.90 20.18 -0.93
CA GLY A 155 22.66 21.37 -0.48
C GLY A 155 23.25 22.16 -1.65
N THR A 156 23.54 23.44 -1.40
CA THR A 156 24.17 24.39 -2.35
C THR A 156 25.38 24.98 -1.68
N GLU A 157 26.53 24.72 -2.28
CA GLU A 157 27.82 25.26 -1.79
C GLU A 157 28.01 26.70 -2.27
N PRO A 158 28.72 27.56 -1.49
CA PRO A 158 28.86 28.98 -1.84
C PRO A 158 29.40 29.25 -3.24
N GLU A 159 30.30 28.38 -3.69
CA GLU A 159 30.97 28.44 -5.01
C GLU A 159 29.93 28.43 -6.14
N PHE A 160 28.81 27.72 -5.97
CA PHE A 160 27.72 27.59 -6.98
C PHE A 160 26.62 28.63 -6.77
N ASN A 161 26.44 29.06 -5.52
CA ASN A 161 25.40 30.05 -5.13
C ASN A 161 25.71 31.43 -5.73
N HIS A 162 27.00 31.82 -5.77
CA HIS A 162 27.51 33.11 -6.27
C HIS A 162 27.52 33.03 -7.80
N ALA A 163 26.56 33.67 -8.49
CA ALA A 163 26.37 33.47 -9.95
C ALA A 163 27.66 33.78 -10.71
N ASN A 164 28.31 34.93 -10.44
CA ASN A 164 29.48 35.41 -11.22
C ASN A 164 30.69 34.51 -10.90
N TYR A 165 30.89 34.11 -9.64
CA TYR A 165 32.04 33.26 -9.26
C TYR A 165 31.90 31.88 -9.91
N ALA A 166 30.65 31.36 -9.97
CA ALA A 166 30.35 30.05 -10.58
C ALA A 166 30.71 30.11 -12.08
N GLN A 167 30.29 31.16 -12.77
CA GLN A 167 30.65 31.41 -14.19
C GLN A 167 32.18 31.48 -14.33
N SER A 168 32.88 32.19 -13.44
CA SER A 168 34.34 32.40 -13.50
C SER A 168 35.11 31.10 -13.24
N LYS A 169 34.51 30.13 -12.55
CA LYS A 169 35.11 28.79 -12.30
C LYS A 169 34.71 27.82 -13.41
N GLY A 170 33.85 28.23 -14.34
CA GLY A 170 33.50 27.41 -15.52
C GLY A 170 32.46 26.34 -15.21
N HIS A 171 31.76 26.43 -14.08
CA HIS A 171 30.59 25.55 -13.76
C HIS A 171 29.53 25.84 -14.84
N LYS A 172 28.85 24.79 -15.32
CA LYS A 172 27.85 24.89 -16.42
C LYS A 172 26.44 24.47 -15.95
N THR A 173 26.26 24.26 -14.67
CA THR A 173 24.99 23.79 -14.09
C THR A 173 23.91 24.86 -14.26
N PRO A 174 22.61 24.49 -14.42
CA PRO A 174 21.54 25.46 -14.36
C PRO A 174 21.21 25.84 -12.91
N TRP A 175 21.68 25.02 -11.97
CA TRP A 175 21.35 25.14 -10.52
C TRP A 175 22.28 26.16 -9.86
N GLY A 176 21.99 26.52 -8.61
CA GLY A 176 22.70 27.60 -7.91
C GLY A 176 22.36 28.96 -8.49
N LYS A 177 23.29 29.90 -8.33
CA LYS A 177 23.30 31.28 -8.90
C LYS A 177 22.24 32.17 -8.23
N TRP A 178 21.66 31.81 -7.09
CA TRP A 178 20.63 32.65 -6.43
C TRP A 178 21.24 33.79 -5.64
N ASN A 179 22.54 33.74 -5.32
CA ASN A 179 23.22 34.82 -4.58
C ASN A 179 22.53 35.03 -3.21
N LEU A 180 22.02 33.99 -2.59
CA LEU A 180 21.46 34.08 -1.20
C LEU A 180 22.57 33.98 -0.17
N ASN A 181 22.26 34.23 1.11
CA ASN A 181 23.14 33.78 2.21
C ASN A 181 23.00 32.27 2.20
N PRO A 182 24.09 31.49 1.98
CA PRO A 182 23.95 30.05 1.84
C PRO A 182 23.35 29.33 3.07
N GLN A 183 23.27 29.96 4.23
CA GLN A 183 22.59 29.34 5.41
C GLN A 183 21.07 29.38 5.19
N GLN A 184 20.58 30.06 4.15
CA GLN A 184 19.12 30.08 3.81
C GLN A 184 18.72 28.78 3.08
N PHE A 185 19.67 28.01 2.57
CA PHE A 185 19.42 26.66 2.03
C PHE A 185 19.24 25.69 3.19
N TYR A 186 18.15 24.93 3.16
CA TYR A 186 17.72 23.96 4.20
C TYR A 186 17.84 22.54 3.65
N THR A 187 18.70 21.73 4.27
CA THR A 187 19.07 20.38 3.77
C THR A 187 18.34 19.26 4.51
N MET A 188 18.38 18.07 3.90
CA MET A 188 17.70 16.84 4.39
C MET A 188 18.52 16.22 5.52
N PHE A 189 19.86 16.30 5.42
CA PHE A 189 20.86 15.82 6.40
C PHE A 189 21.87 16.92 6.66
N PRO A 190 22.56 16.89 7.82
CA PRO A 190 23.59 17.89 8.15
C PRO A 190 24.94 17.57 7.48
N HIS A 191 24.95 17.54 6.15
CA HIS A 191 26.14 17.19 5.32
C HIS A 191 26.84 18.49 4.84
N THR A 192 26.18 19.66 4.87
CA THR A 192 26.69 20.92 4.27
C THR A 192 26.61 22.05 5.28
N PRO A 193 27.64 22.25 6.12
CA PRO A 193 27.61 23.30 7.14
C PRO A 193 27.52 24.72 6.56
N ASP A 194 27.80 24.90 5.26
CA ASP A 194 27.47 26.17 4.58
C ASP A 194 25.95 26.40 4.58
N ASN A 195 25.17 25.33 4.69
CA ASN A 195 23.68 25.39 4.66
C ASN A 195 23.15 25.11 6.07
N SER A 196 21.84 25.25 6.27
CA SER A 196 21.17 24.88 7.53
C SER A 196 20.56 23.47 7.36
N PHE A 197 20.67 22.64 8.39
CA PHE A 197 19.99 21.31 8.43
C PHE A 197 18.51 21.47 8.87
N LEU A 198 17.55 21.16 7.98
CA LEU A 198 16.11 21.10 8.30
C LEU A 198 15.74 19.70 8.76
N GLY A 199 16.08 18.69 7.94
CA GLY A 199 15.71 17.29 8.15
C GLY A 199 14.21 17.06 8.17
N PHE A 200 13.76 16.13 9.02
CA PHE A 200 12.40 15.54 9.05
C PHE A 200 12.34 14.66 10.29
N VAL A 201 11.20 14.00 10.48
CA VAL A 201 10.98 13.08 11.63
C VAL A 201 10.91 11.65 11.10
N VAL A 202 11.66 10.75 11.75
CA VAL A 202 11.70 9.29 11.49
C VAL A 202 10.53 8.66 12.25
N GLU A 203 9.57 8.07 11.55
CA GLU A 203 8.43 7.31 12.16
C GLU A 203 8.92 6.05 12.90
N HIS A 213 12.15 -7.99 24.29
CA HIS A 213 10.80 -8.25 23.73
C HIS A 213 10.86 -8.09 22.20
N ILE A 214 11.61 -7.09 21.73
CA ILE A 214 11.97 -6.89 20.30
C ILE A 214 12.68 -8.16 19.77
N ASN A 215 13.39 -8.90 20.63
CA ASN A 215 14.05 -10.20 20.33
C ASN A 215 13.01 -11.19 19.80
N GLU A 216 11.85 -11.25 20.46
CA GLU A 216 10.70 -12.14 20.11
C GLU A 216 10.08 -11.71 18.77
N ILE A 217 9.92 -10.41 18.54
CA ILE A 217 9.24 -9.87 17.32
C ILE A 217 10.14 -10.08 16.11
N LYS A 218 11.44 -9.84 16.25
CA LYS A 218 12.40 -9.88 15.11
C LYS A 218 12.67 -11.33 14.70
N ARG A 219 12.64 -11.61 13.40
CA ARG A 219 13.17 -12.86 12.81
C ARG A 219 14.69 -12.65 12.64
N GLN A 220 15.48 -13.32 13.48
CA GLN A 220 16.94 -13.10 13.61
C GLN A 220 17.63 -13.22 12.25
N ASN A 221 17.08 -14.00 11.33
CA ASN A 221 17.77 -14.33 10.05
C ASN A 221 17.03 -13.68 8.88
N GLN A 222 16.22 -12.65 9.12
CA GLN A 222 15.48 -11.91 8.05
C GLN A 222 16.27 -10.67 7.60
N SER A 223 16.70 -10.61 6.35
CA SER A 223 17.20 -9.36 5.74
C SER A 223 16.14 -8.84 4.76
N LEU A 224 16.13 -7.54 4.57
CA LEU A 224 15.26 -6.84 3.62
C LEU A 224 16.15 -5.92 2.80
N VAL A 225 16.04 -6.04 1.48
CA VAL A 225 16.80 -5.19 0.54
C VAL A 225 16.12 -3.83 0.42
N TYR A 226 16.92 -2.79 0.47
CA TYR A 226 16.55 -1.37 0.25
C TYR A 226 16.60 -1.10 -1.25
N GLY A 227 15.47 -0.80 -1.88
CA GLY A 227 15.44 -0.54 -3.33
C GLY A 227 14.18 -1.10 -3.94
N LYS A 228 13.22 -0.22 -4.25
CA LYS A 228 11.85 -0.56 -4.72
C LYS A 228 11.81 -0.75 -6.24
N VAL A 229 12.95 -0.58 -6.94
CA VAL A 229 13.06 -0.69 -8.43
C VAL A 229 14.14 -1.71 -8.75
N ASP A 230 13.93 -2.49 -9.82
CA ASP A 230 14.79 -3.65 -10.24
C ASP A 230 16.19 -3.15 -10.66
N SER A 231 16.24 -2.01 -11.35
CA SER A 231 17.48 -1.38 -11.90
C SER A 231 18.53 -1.25 -10.80
N PHE A 232 18.10 -0.94 -9.57
CA PHE A 232 18.97 -0.73 -8.38
C PHE A 232 19.76 -2.01 -8.05
N TRP A 233 19.26 -3.18 -8.47
CA TRP A 233 19.79 -4.54 -8.11
C TRP A 233 20.92 -4.98 -9.05
N LYS A 234 21.22 -4.22 -10.11
CA LYS A 234 22.25 -4.56 -11.14
C LYS A 234 23.63 -4.74 -10.49
N ASN A 235 24.24 -5.93 -10.64
CA ASN A 235 25.66 -6.26 -10.28
C ASN A 235 25.84 -6.42 -8.76
N LYS A 236 24.83 -6.92 -8.04
CA LYS A 236 24.88 -7.09 -6.56
C LYS A 236 24.76 -8.57 -6.20
N LYS A 237 24.86 -9.45 -7.22
CA LYS A 237 24.62 -10.90 -7.09
C LYS A 237 25.57 -11.47 -6.03
N ILE A 238 26.87 -11.21 -6.12
CA ILE A 238 27.88 -11.81 -5.20
C ILE A 238 27.56 -11.33 -3.77
N TYR A 239 27.32 -10.03 -3.63
CA TYR A 239 26.93 -9.34 -2.36
C TYR A 239 25.70 -10.05 -1.80
N LEU A 240 24.64 -10.14 -2.59
CA LEU A 240 23.36 -10.73 -2.12
C LEU A 240 23.56 -12.21 -1.77
N ASP A 241 24.38 -12.96 -2.53
CA ASP A 241 24.65 -14.42 -2.29
C ASP A 241 25.33 -14.62 -0.94
N ILE A 242 26.28 -13.76 -0.59
CA ILE A 242 26.97 -13.82 0.73
C ILE A 242 25.95 -13.61 1.84
N ILE A 243 25.08 -12.59 1.71
CA ILE A 243 24.01 -12.34 2.72
C ILE A 243 23.12 -13.58 2.81
N HIS A 244 22.67 -14.11 1.66
CA HIS A 244 21.76 -15.29 1.53
C HIS A 244 22.39 -16.55 2.14
N THR A 245 23.71 -16.65 2.23
CA THR A 245 24.42 -17.75 2.94
C THR A 245 23.94 -17.82 4.39
N TYR A 246 23.69 -16.69 5.05
CA TYR A 246 23.38 -16.60 6.51
C TYR A 246 21.96 -16.11 6.78
N MET A 247 21.25 -15.56 5.78
CA MET A 247 19.91 -14.96 6.03
C MET A 247 19.00 -15.13 4.84
N GLU A 248 17.70 -15.14 5.13
CA GLU A 248 16.63 -14.90 4.13
C GLU A 248 16.81 -13.47 3.60
N VAL A 249 16.63 -13.32 2.30
CA VAL A 249 16.67 -12.02 1.58
C VAL A 249 15.23 -11.70 1.13
N HIS A 250 14.63 -10.70 1.75
CA HIS A 250 13.29 -10.18 1.41
C HIS A 250 13.43 -8.92 0.55
N ALA A 251 12.39 -8.58 -0.18
CA ALA A 251 12.33 -7.38 -1.05
C ALA A 251 10.93 -6.79 -1.02
N THR A 252 10.81 -5.51 -1.38
CA THR A 252 9.53 -4.81 -1.64
C THR A 252 9.68 -4.13 -2.99
N VAL A 253 9.58 -4.90 -4.08
CA VAL A 253 9.76 -4.39 -5.47
C VAL A 253 8.42 -4.44 -6.21
N THR A 258 11.72 -7.08 -12.94
CA THR A 258 12.13 -8.22 -12.07
C THR A 258 13.09 -9.15 -12.83
N LYS A 259 14.17 -8.59 -13.39
CA LYS A 259 15.24 -9.30 -14.13
C LYS A 259 16.43 -9.59 -13.21
N ASN A 260 16.85 -8.59 -12.43
CA ASN A 260 18.13 -8.57 -11.65
C ASN A 260 17.97 -9.31 -10.31
N ILE A 261 16.74 -9.73 -9.96
CA ILE A 261 16.39 -10.22 -8.60
C ILE A 261 16.61 -11.73 -8.56
N PRO A 262 17.61 -12.25 -7.79
CA PRO A 262 17.77 -13.70 -7.64
C PRO A 262 16.48 -14.43 -7.21
N SER A 263 16.36 -15.69 -7.64
CA SER A 263 15.20 -16.59 -7.44
C SER A 263 14.87 -16.73 -5.95
N TYR A 264 15.87 -16.79 -5.06
CA TYR A 264 15.69 -16.99 -3.59
C TYR A 264 15.05 -15.77 -2.91
N VAL A 265 14.96 -14.61 -3.59
CA VAL A 265 14.47 -13.36 -2.94
C VAL A 265 12.97 -13.49 -2.68
N LYS A 266 12.53 -13.21 -1.45
CA LYS A 266 11.10 -13.26 -1.05
C LYS A 266 10.52 -11.86 -1.21
N ASN A 267 9.92 -11.58 -2.36
CA ASN A 267 9.26 -10.29 -2.66
C ASN A 267 7.90 -10.19 -1.95
N HIS A 268 7.69 -9.14 -1.16
CA HIS A 268 6.40 -8.85 -0.48
C HIS A 268 5.57 -7.85 -1.30
N GLY A 269 6.09 -7.36 -2.43
CA GLY A 269 5.50 -6.27 -3.23
C GLY A 269 5.52 -4.93 -2.50
N ILE A 270 4.84 -3.93 -3.06
CA ILE A 270 4.79 -2.57 -2.46
C ILE A 270 3.95 -2.66 -1.18
N LEU A 271 4.48 -2.09 -0.09
CA LEU A 271 3.81 -1.97 1.23
C LEU A 271 3.55 -0.50 1.52
N SER A 272 3.12 -0.19 2.74
CA SER A 272 2.84 1.19 3.19
C SER A 272 2.66 1.21 4.70
N GLY A 273 2.88 2.39 5.29
CA GLY A 273 2.58 2.71 6.69
C GLY A 273 2.82 1.54 7.61
N ARG A 274 1.75 1.08 8.26
CA ARG A 274 1.75 0.02 9.29
C ARG A 274 2.44 -1.25 8.78
N ASP A 275 2.16 -1.65 7.53
CA ASP A 275 2.61 -2.94 6.94
C ASP A 275 4.13 -2.92 6.83
N LEU A 276 4.67 -1.85 6.23
CA LEU A 276 6.14 -1.65 6.08
C LEU A 276 6.75 -1.59 7.47
N GLN A 277 6.11 -0.87 8.40
CA GLN A 277 6.63 -0.72 9.80
C GLN A 277 6.67 -2.13 10.42
N PHE A 278 5.66 -2.97 10.16
CA PHE A 278 5.61 -4.37 10.67
C PHE A 278 6.79 -5.15 10.09
N LEU A 279 6.98 -5.06 8.76
CA LEU A 279 8.10 -5.69 8.05
C LEU A 279 9.43 -5.24 8.66
N LEU A 280 9.64 -3.93 8.88
CA LEU A 280 10.90 -3.41 9.49
C LEU A 280 11.04 -3.98 10.91
N ARG A 281 9.96 -3.97 11.69
CA ARG A 281 9.96 -4.50 13.09
C ARG A 281 10.47 -5.94 13.05
N GLU A 282 10.11 -6.70 12.01
CA GLU A 282 10.43 -8.14 11.86
C GLU A 282 11.87 -8.36 11.37
N THR A 283 12.46 -7.35 10.73
CA THR A 283 13.71 -7.48 9.94
C THR A 283 14.92 -7.27 10.85
N LYS A 284 15.91 -8.15 10.74
CA LYS A 284 17.20 -8.01 11.46
C LYS A 284 18.13 -7.05 10.72
N LEU A 285 18.16 -7.11 9.38
CA LEU A 285 19.15 -6.40 8.56
C LEU A 285 18.45 -5.74 7.36
N PHE A 286 18.66 -4.44 7.19
CA PHE A 286 18.25 -3.64 6.02
C PHE A 286 19.49 -3.50 5.13
N VAL A 287 19.38 -3.92 3.86
CA VAL A 287 20.55 -4.07 2.95
C VAL A 287 20.52 -2.97 1.90
N GLY A 288 21.52 -2.10 1.94
CA GLY A 288 21.73 -1.03 0.95
C GLY A 288 22.38 -1.62 -0.30
N LEU A 289 21.97 -1.15 -1.48
CA LEU A 289 22.59 -1.61 -2.75
C LEU A 289 23.50 -0.52 -3.35
N GLY A 290 23.51 0.68 -2.79
CA GLY A 290 24.32 1.82 -3.30
C GLY A 290 23.45 2.99 -3.70
N PHE A 291 22.17 2.74 -3.97
CA PHE A 291 21.21 3.76 -4.44
C PHE A 291 19.85 3.38 -3.87
N PRO A 292 18.97 4.32 -3.43
CA PRO A 292 19.21 5.77 -3.48
C PRO A 292 20.15 6.32 -2.41
N TYR A 293 20.63 7.54 -2.61
CA TYR A 293 21.60 8.24 -1.73
C TYR A 293 20.84 8.99 -0.63
N GLU A 294 21.25 8.80 0.62
CA GLU A 294 20.84 9.67 1.75
C GLU A 294 19.33 9.87 1.79
N GLY A 295 18.59 8.77 1.81
CA GLY A 295 17.13 8.84 1.96
C GLY A 295 16.74 8.68 3.43
N PRO A 296 15.45 8.90 3.76
CA PRO A 296 14.93 8.56 5.08
C PRO A 296 14.89 7.06 5.44
N ALA A 297 14.73 6.14 4.48
CA ALA A 297 14.39 4.72 4.77
C ALA A 297 15.42 4.05 5.70
N PRO A 298 16.76 4.23 5.55
CA PRO A 298 17.69 3.59 6.49
C PRO A 298 17.46 4.07 7.94
N LEU A 299 17.11 5.34 8.17
CA LEU A 299 16.86 5.81 9.56
C LEU A 299 15.60 5.13 10.11
N GLU A 300 14.59 4.95 9.27
CA GLU A 300 13.32 4.26 9.67
C GLU A 300 13.65 2.82 10.08
N ALA A 301 14.47 2.11 9.29
CA ALA A 301 14.92 0.74 9.60
C ALA A 301 15.59 0.71 10.98
N ILE A 302 16.48 1.65 11.22
CA ILE A 302 17.33 1.71 12.46
C ILE A 302 16.45 2.02 13.69
N ALA A 303 15.45 2.87 13.51
CA ALA A 303 14.45 3.26 14.54
C ALA A 303 13.62 2.04 14.92
N ASN A 304 13.53 1.06 14.01
CA ASN A 304 12.73 -0.18 14.17
C ASN A 304 13.63 -1.35 14.58
N GLY A 305 14.90 -1.12 14.91
CA GLY A 305 15.73 -2.20 15.46
C GLY A 305 16.55 -2.89 14.41
N CYS A 306 16.40 -2.52 13.12
CA CYS A 306 17.24 -3.09 12.04
C CYS A 306 18.66 -2.52 12.10
N ALA A 307 19.63 -3.37 11.79
CA ALA A 307 20.98 -2.93 11.37
C ALA A 307 20.84 -2.54 9.89
N PHE A 308 21.71 -1.65 9.43
CA PHE A 308 21.77 -1.15 8.05
C PHE A 308 23.16 -1.47 7.50
N LEU A 309 23.19 -2.23 6.40
CA LEU A 309 24.43 -2.56 5.69
C LEU A 309 24.59 -1.51 4.61
N ASN A 310 25.59 -0.66 4.80
CA ASN A 310 25.76 0.65 4.14
C ASN A 310 26.94 0.54 3.20
N PRO A 311 26.71 0.46 1.86
CA PRO A 311 27.80 0.38 0.91
C PRO A 311 28.76 1.57 1.01
N LYS A 312 30.05 1.27 1.14
CA LYS A 312 31.14 2.26 1.21
C LYS A 312 31.49 2.69 -0.21
N PHE A 313 31.76 3.98 -0.42
CA PHE A 313 32.17 4.51 -1.74
C PHE A 313 33.62 4.97 -1.63
N ASN A 314 34.51 4.26 -2.31
CA ASN A 314 35.94 4.58 -2.39
C ASN A 314 36.30 4.42 -3.86
N PRO A 315 36.53 5.53 -4.63
CA PRO A 315 36.52 6.89 -4.11
C PRO A 315 35.12 7.41 -3.77
N PRO A 316 34.97 8.51 -2.98
CA PRO A 316 33.65 9.04 -2.66
C PRO A 316 32.90 9.48 -3.92
N LYS A 317 31.58 9.39 -3.91
CA LYS A 317 30.77 9.77 -5.09
C LYS A 317 30.46 11.28 -5.01
N SER A 318 30.61 11.98 -6.12
CA SER A 318 30.30 13.44 -6.18
C SER A 318 29.90 13.84 -7.59
N SER A 319 29.59 15.12 -7.75
CA SER A 319 29.19 15.75 -9.04
C SER A 319 30.34 15.65 -10.03
N LYS A 320 31.52 15.22 -9.57
CA LYS A 320 32.74 15.01 -10.41
C LYS A 320 32.87 13.60 -10.97
N ASN A 321 32.20 12.56 -10.44
CA ASN A 321 32.43 11.17 -10.93
C ASN A 321 31.14 10.36 -11.07
N THR A 322 29.97 10.96 -10.82
CA THR A 322 28.70 10.20 -10.72
C THR A 322 27.60 10.96 -11.47
N ASP A 323 27.04 10.33 -12.51
CA ASP A 323 26.07 10.96 -13.44
C ASP A 323 24.95 11.63 -12.64
N PHE A 324 24.37 10.92 -11.68
CA PHE A 324 23.27 11.42 -10.80
C PHE A 324 23.63 12.79 -10.22
N PHE A 325 24.90 13.07 -9.93
CA PHE A 325 25.32 14.27 -9.17
C PHE A 325 25.77 15.39 -10.13
N ILE A 326 26.01 15.11 -11.41
CA ILE A 326 26.52 16.12 -12.38
C ILE A 326 25.46 17.23 -12.42
N GLY A 327 25.86 18.48 -12.31
CA GLY A 327 24.91 19.61 -12.37
C GLY A 327 24.37 19.99 -10.98
N LYS A 328 24.54 19.15 -9.96
CA LYS A 328 24.19 19.55 -8.56
C LYS A 328 25.09 20.70 -8.13
N PRO A 329 24.54 21.77 -7.49
CA PRO A 329 25.33 22.94 -7.13
C PRO A 329 26.18 22.73 -5.88
N THR A 330 26.98 21.67 -5.90
CA THR A 330 27.86 21.26 -4.77
C THR A 330 28.91 20.28 -5.30
N LEU A 331 30.07 20.27 -4.68
CA LEU A 331 31.19 19.32 -4.93
C LEU A 331 31.23 18.33 -3.77
N ARG A 332 30.25 18.37 -2.89
CA ARG A 332 30.28 17.50 -1.69
C ARG A 332 30.42 16.03 -2.13
N GLU A 333 31.25 15.28 -1.42
CA GLU A 333 31.59 13.86 -1.70
C GLU A 333 30.88 12.96 -0.68
N LEU A 334 30.15 11.93 -1.15
CA LEU A 334 29.49 10.93 -0.28
C LEU A 334 30.45 9.75 -0.08
N THR A 335 30.77 9.42 1.17
CA THR A 335 31.73 8.34 1.51
C THR A 335 31.00 6.99 1.55
N SER A 336 29.66 7.00 1.47
CA SER A 336 28.80 5.80 1.58
C SER A 336 27.41 6.19 1.04
N GLN A 337 26.56 5.21 0.84
CA GLN A 337 25.15 5.42 0.40
C GLN A 337 24.47 6.42 1.34
N HIS A 338 24.76 6.34 2.65
CA HIS A 338 24.12 7.18 3.70
C HIS A 338 25.21 7.70 4.63
N PRO A 339 25.89 8.81 4.26
CA PRO A 339 27.00 9.34 5.07
C PRO A 339 26.60 9.71 6.50
N TYR A 340 25.39 10.24 6.70
CA TYR A 340 24.88 10.55 8.05
C TYR A 340 24.83 9.29 8.92
N ALA A 341 24.25 8.19 8.41
CA ALA A 341 24.15 6.89 9.09
C ALA A 341 25.57 6.40 9.42
N GLU A 342 26.50 6.56 8.46
CA GLU A 342 27.91 6.13 8.60
C GLU A 342 28.60 6.92 9.72
N VAL A 343 28.52 8.24 9.70
CA VAL A 343 29.37 9.12 10.56
C VAL A 343 28.69 9.38 11.91
N PHE A 344 27.39 9.67 11.96
CA PHE A 344 26.69 10.15 13.18
C PHE A 344 26.05 8.98 13.92
N ILE A 345 25.86 7.81 13.29
CA ILE A 345 25.31 6.60 13.97
C ILE A 345 26.39 5.51 14.11
N GLY A 346 26.86 4.92 13.01
CA GLY A 346 27.95 3.91 13.07
C GLY A 346 27.50 2.60 13.70
N ARG A 347 28.45 1.71 13.95
CA ARG A 347 28.21 0.38 14.54
C ARG A 347 27.67 0.63 15.95
N PRO A 348 26.79 -0.23 16.48
CA PRO A 348 26.39 -1.48 15.82
C PRO A 348 25.21 -1.35 14.84
N HIS A 349 24.57 -0.18 14.76
CA HIS A 349 23.33 0.03 13.95
C HIS A 349 23.67 0.07 12.45
N VAL A 350 24.87 0.53 12.11
CA VAL A 350 25.28 0.77 10.70
C VAL A 350 26.65 0.14 10.47
N TRP A 351 26.74 -0.74 9.49
CA TRP A 351 28.00 -1.40 9.05
C TRP A 351 28.28 -0.86 7.66
N THR A 352 29.28 0.01 7.57
CA THR A 352 29.71 0.61 6.28
C THR A 352 30.80 -0.30 5.71
N VAL A 353 30.53 -0.94 4.59
CA VAL A 353 31.39 -2.05 4.08
C VAL A 353 31.59 -1.83 2.57
N ASP A 354 32.73 -2.31 2.10
CA ASP A 354 33.06 -2.43 0.66
C ASP A 354 32.26 -3.64 0.13
N LEU A 355 31.29 -3.36 -0.72
CA LEU A 355 30.44 -4.35 -1.42
C LEU A 355 31.29 -5.42 -2.14
N ASN A 356 32.44 -5.04 -2.67
CA ASN A 356 33.35 -5.91 -3.47
C ASN A 356 34.31 -6.68 -2.54
N ASN A 357 34.32 -6.39 -1.23
CA ASN A 357 35.16 -7.11 -0.23
C ASN A 357 34.33 -8.26 0.39
N GLN A 358 34.42 -9.46 -0.21
CA GLN A 358 33.60 -10.64 0.16
C GLN A 358 33.81 -10.97 1.64
N GLU A 359 35.06 -10.94 2.13
CA GLU A 359 35.41 -11.28 3.54
C GLU A 359 34.71 -10.29 4.49
N GLU A 360 34.78 -8.99 4.18
CA GLU A 360 34.27 -7.91 5.04
C GLU A 360 32.74 -8.00 5.10
N VAL A 361 32.10 -8.25 3.96
CA VAL A 361 30.61 -8.42 3.88
C VAL A 361 30.22 -9.63 4.72
N GLU A 362 30.92 -10.78 4.58
CA GLU A 362 30.57 -11.98 5.38
C GLU A 362 30.74 -11.68 6.87
N ASP A 363 31.84 -11.01 7.27
CA ASP A 363 32.12 -10.71 8.71
C ASP A 363 31.02 -9.79 9.24
N ALA A 364 30.62 -8.78 8.45
CA ALA A 364 29.58 -7.79 8.84
C ALA A 364 28.27 -8.56 9.07
N VAL A 365 27.89 -9.42 8.15
CA VAL A 365 26.60 -10.15 8.22
C VAL A 365 26.62 -11.09 9.43
N LYS A 366 27.71 -11.82 9.64
CA LYS A 366 27.84 -12.73 10.82
C LYS A 366 27.76 -11.91 12.11
N ALA A 367 28.41 -10.75 12.19
CA ALA A 367 28.42 -9.88 13.40
C ALA A 367 26.99 -9.40 13.64
N ILE A 368 26.31 -8.95 12.59
CA ILE A 368 24.95 -8.38 12.72
C ILE A 368 24.01 -9.46 13.26
N LEU A 369 24.16 -10.70 12.76
CA LEU A 369 23.33 -11.86 13.19
C LEU A 369 23.44 -12.05 14.69
N ASN A 370 24.64 -11.85 15.26
CA ASN A 370 24.92 -12.09 16.70
C ASN A 370 24.66 -10.83 17.53
N GLN A 371 24.30 -9.69 16.92
CA GLN A 371 24.11 -8.43 17.68
C GLN A 371 22.82 -8.48 18.49
N LYS A 372 22.81 -7.84 19.66
CA LYS A 372 21.56 -7.61 20.42
C LYS A 372 20.83 -6.44 19.76
N ILE A 373 19.51 -6.57 19.61
CA ILE A 373 18.68 -5.56 18.91
C ILE A 373 18.51 -4.36 19.84
N GLU A 374 18.80 -3.15 19.35
CA GLU A 374 18.70 -1.87 20.09
C GLU A 374 18.16 -0.80 19.15
N PRO A 375 16.82 -0.61 19.09
CA PRO A 375 16.20 0.46 18.32
C PRO A 375 16.77 1.82 18.71
N TYR A 376 17.13 2.63 17.72
CA TYR A 376 17.82 3.92 17.96
C TYR A 376 17.33 4.98 16.97
N MET A 377 17.23 6.19 17.48
CA MET A 377 16.68 7.38 16.77
C MET A 377 17.48 8.57 17.27
N PRO A 378 18.30 9.25 16.43
CA PRO A 378 18.98 10.46 16.88
C PRO A 378 17.91 11.49 17.27
N TYR A 379 18.17 12.24 18.33
CA TYR A 379 17.20 13.22 18.90
C TYR A 379 16.73 14.18 17.79
N GLU A 380 17.65 14.64 16.94
CA GLU A 380 17.35 15.61 15.84
C GLU A 380 16.30 15.07 14.86
N PHE A 381 16.05 13.75 14.79
CA PHE A 381 15.03 13.16 13.90
C PHE A 381 13.78 12.72 14.68
N THR A 382 13.61 13.12 15.94
CA THR A 382 12.36 12.88 16.69
C THR A 382 11.46 14.11 16.52
N CYS A 383 10.17 13.97 16.80
CA CYS A 383 9.21 15.12 16.80
C CYS A 383 9.75 16.27 17.66
N GLU A 384 10.15 15.99 18.89
CA GLU A 384 10.59 17.03 19.85
C GLU A 384 11.88 17.67 19.31
N GLY A 385 12.82 16.86 18.84
CA GLY A 385 14.08 17.40 18.32
C GLY A 385 13.84 18.28 17.12
N MET A 386 12.95 17.89 16.20
CA MET A 386 12.68 18.75 15.00
C MET A 386 11.97 20.02 15.45
N LEU A 387 11.00 19.93 16.36
CA LEU A 387 10.29 21.13 16.90
C LEU A 387 11.30 22.11 17.49
N GLN A 388 12.22 21.62 18.32
CA GLN A 388 13.26 22.44 18.99
C GLN A 388 14.11 23.13 17.93
N ARG A 389 14.51 22.39 16.91
CA ARG A 389 15.40 22.92 15.85
C ARG A 389 14.64 24.00 15.08
N ILE A 390 13.44 23.70 14.58
CA ILE A 390 12.73 24.66 13.70
C ILE A 390 12.31 25.85 14.57
N ASN A 391 12.03 25.63 15.85
CA ASN A 391 11.66 26.74 16.76
C ASN A 391 12.86 27.69 16.91
N ALA A 392 14.08 27.16 17.09
CA ALA A 392 15.29 27.97 17.22
C ALA A 392 15.52 28.75 15.91
N PHE A 393 15.42 28.13 14.74
CA PHE A 393 15.62 28.87 13.46
C PHE A 393 14.59 30.01 13.34
N ILE A 394 13.32 29.72 13.60
CA ILE A 394 12.26 30.77 13.45
C ILE A 394 12.56 31.92 14.41
N GLU A 395 12.93 31.63 15.66
CA GLU A 395 13.06 32.68 16.71
C GLU A 395 14.40 33.42 16.54
N LYS A 396 15.46 32.76 16.05
CA LYS A 396 16.85 33.24 16.21
C LYS A 396 17.57 33.47 14.89
N GLN A 397 17.25 32.74 13.83
CA GLN A 397 18.02 32.86 12.56
C GLN A 397 17.41 34.00 11.76
N ASP A 398 18.18 35.07 11.55
CA ASP A 398 17.67 36.34 10.98
C ASP A 398 18.69 36.80 9.95
N PHE A 399 18.28 36.93 8.70
CA PHE A 399 19.12 37.48 7.62
C PHE A 399 18.66 38.90 7.30
N CYS A 400 17.62 39.40 7.98
CA CYS A 400 16.97 40.73 7.74
C CYS A 400 17.50 41.81 8.71
N HIS A 401 18.56 41.54 9.49
CA HIS A 401 19.44 42.53 10.16
C HIS A 401 18.82 43.12 11.44
N GLY A 402 17.67 42.62 11.89
CA GLY A 402 16.88 43.18 13.01
C GLY A 402 17.15 42.53 14.37
N GLN A 403 18.06 41.55 14.45
CA GLN A 403 18.23 40.72 15.68
C GLN A 403 19.72 40.61 16.04
N VAL A 404 20.00 40.32 17.31
CA VAL A 404 21.38 40.08 17.81
C VAL A 404 21.95 38.90 17.03
N MET A 405 23.25 38.94 16.77
CA MET A 405 24.11 37.83 16.25
C MET A 405 23.65 36.47 16.81
N TRP A 406 23.39 35.51 15.92
CA TRP A 406 23.08 34.11 16.27
C TRP A 406 23.59 33.18 15.18
N PRO A 407 24.39 32.13 15.49
CA PRO A 407 24.81 31.83 16.86
C PRO A 407 25.65 32.90 17.54
N PRO A 408 25.65 32.95 18.88
CA PRO A 408 26.41 33.95 19.63
C PRO A 408 27.92 33.71 19.48
N LEU A 409 28.68 34.81 19.57
CA LEU A 409 30.14 34.85 19.32
C LEU A 409 30.90 33.98 20.32
N SER A 410 30.38 33.81 21.54
CA SER A 410 30.90 32.90 22.60
C SER A 410 31.12 31.49 22.04
N ALA A 411 30.40 31.07 20.99
CA ALA A 411 30.47 29.68 20.47
C ALA A 411 31.65 29.50 19.50
N LEU A 412 32.28 30.59 19.04
CA LEU A 412 33.38 30.51 18.06
C LEU A 412 34.59 29.81 18.68
N GLN A 413 35.06 28.74 18.06
CA GLN A 413 36.38 28.12 18.29
C GLN A 413 37.10 28.12 16.94
N VAL A 414 38.21 28.84 16.83
CA VAL A 414 38.96 29.01 15.56
C VAL A 414 39.92 27.83 15.43
N LYS A 415 39.97 27.22 14.24
CA LYS A 415 40.89 26.09 13.94
C LYS A 415 41.56 26.38 12.62
N LEU A 416 42.83 25.97 12.51
CA LEU A 416 43.60 26.09 11.24
C LEU A 416 43.53 24.73 10.56
N ALA A 417 42.98 24.69 9.35
CA ALA A 417 42.99 23.51 8.47
C ALA A 417 44.35 23.41 7.79
N GLU A 418 44.93 22.22 7.71
CA GLU A 418 46.19 21.96 6.97
C GLU A 418 45.90 22.12 5.48
N PRO A 419 46.95 22.23 4.63
CA PRO A 419 46.77 22.15 3.18
C PRO A 419 46.04 20.84 2.82
N GLY A 420 45.12 20.93 1.86
CA GLY A 420 44.32 19.77 1.41
C GLY A 420 43.20 19.41 2.37
N GLN A 421 43.00 20.20 3.45
CA GLN A 421 41.89 20.02 4.42
C GLN A 421 40.90 21.20 4.31
N SER A 422 39.59 20.94 4.34
CA SER A 422 38.54 22.00 4.32
C SER A 422 38.28 22.51 5.73
N CYS A 423 37.59 23.64 5.86
CA CYS A 423 37.06 24.13 7.16
C CYS A 423 36.03 23.12 7.67
N LYS A 424 35.21 22.53 6.79
CA LYS A 424 34.24 21.48 7.21
C LYS A 424 35.00 20.34 7.92
N GLN A 425 36.07 19.85 7.27
CA GLN A 425 36.91 18.72 7.75
C GLN A 425 37.56 19.03 9.09
N VAL A 426 38.23 20.18 9.27
CA VAL A 426 39.02 20.46 10.52
C VAL A 426 38.07 20.63 11.72
N CYS A 427 36.89 21.24 11.54
CA CYS A 427 35.89 21.34 12.65
C CYS A 427 35.41 19.92 13.01
N GLN A 428 35.05 19.11 12.01
CA GLN A 428 34.50 17.74 12.20
C GLN A 428 35.53 16.87 12.92
N GLU A 429 36.83 16.97 12.58
CA GLU A 429 37.89 16.11 13.16
C GLU A 429 38.16 16.53 14.61
N SER A 430 37.64 17.68 15.06
CA SER A 430 37.71 18.12 16.48
C SER A 430 36.35 17.96 17.16
N GLN A 431 35.44 17.18 16.58
CA GLN A 431 34.07 16.96 17.13
C GLN A 431 33.36 18.30 17.25
N LEU A 432 33.55 19.19 16.28
CA LEU A 432 32.85 20.50 16.18
C LEU A 432 32.17 20.59 14.79
N ILE A 433 31.54 21.71 14.46
CA ILE A 433 30.97 21.93 13.10
C ILE A 433 31.31 23.35 12.66
N CYS A 434 31.69 23.50 11.39
CA CYS A 434 32.01 24.81 10.77
C CYS A 434 30.75 25.68 10.88
N GLU A 435 30.95 26.95 11.19
CA GLU A 435 29.86 27.91 11.48
C GLU A 435 30.12 29.11 10.60
N PRO A 436 29.53 29.14 9.39
CA PRO A 436 29.90 30.16 8.39
C PRO A 436 29.55 31.58 8.82
N SER A 437 28.66 31.77 9.79
CA SER A 437 28.23 33.12 10.22
C SER A 437 29.37 33.82 11.00
N PHE A 438 30.40 33.06 11.41
CA PHE A 438 31.57 33.61 12.15
C PHE A 438 32.72 34.04 11.21
N PHE A 439 32.67 33.73 9.91
CA PHE A 439 33.79 34.03 8.97
C PHE A 439 34.13 35.53 9.02
N GLN A 440 33.11 36.40 9.15
CA GLN A 440 33.28 37.87 9.18
C GLN A 440 34.17 38.31 10.37
N HIS A 441 34.18 37.57 11.48
CA HIS A 441 35.05 37.85 12.65
C HIS A 441 36.48 37.34 12.45
N LEU A 442 36.81 36.74 11.31
CA LEU A 442 38.16 36.14 11.09
C LEU A 442 38.85 36.79 9.88
N ASN A 443 38.45 37.99 9.49
CA ASN A 443 38.79 38.48 8.13
C ASN A 443 39.58 39.80 8.14
N LYS A 444 40.58 39.95 9.03
CA LYS A 444 41.57 41.09 8.98
C LYS A 444 42.71 40.88 10.00
N ASP A 445 43.85 41.53 9.75
CA ASP A 445 45.13 41.35 10.51
C ASP A 445 44.87 41.37 12.01
N LYS A 446 44.15 42.38 12.50
CA LYS A 446 43.94 42.67 13.95
C LYS A 446 43.08 41.56 14.58
N ASP A 447 42.13 41.00 13.82
CA ASP A 447 41.23 39.92 14.29
C ASP A 447 42.06 38.64 14.46
N MET A 448 42.98 38.37 13.53
CA MET A 448 43.88 37.17 13.54
C MET A 448 44.70 37.14 14.84
N LEU A 449 45.28 38.28 15.23
CA LEU A 449 46.15 38.43 16.43
C LEU A 449 45.53 37.64 17.58
N LYS A 450 44.22 37.87 17.81
CA LYS A 450 43.40 37.24 18.88
C LYS A 450 43.53 35.71 18.86
N TYR A 451 43.79 35.12 17.67
CA TYR A 451 43.80 33.65 17.44
C TYR A 451 45.23 33.20 17.12
N LYS A 452 46.23 33.88 17.69
CA LYS A 452 47.68 33.51 17.67
C LYS A 452 48.15 33.24 16.24
N VAL A 453 47.62 34.01 15.28
CA VAL A 453 48.10 34.11 13.87
C VAL A 453 48.50 35.57 13.65
N THR A 454 49.76 35.80 13.25
CA THR A 454 50.34 37.15 12.99
C THR A 454 50.70 37.23 11.50
N CYS A 455 50.06 38.18 10.81
CA CYS A 455 50.18 38.40 9.34
C CYS A 455 51.33 39.37 9.06
N GLN A 456 52.49 38.84 8.65
CA GLN A 456 53.70 39.62 8.28
C GLN A 456 53.36 40.52 7.09
N SER A 457 52.58 39.99 6.14
CA SER A 457 51.94 40.73 5.02
C SER A 457 50.51 40.21 4.81
N SER A 458 49.78 40.78 3.85
CA SER A 458 48.40 40.36 3.51
C SER A 458 47.95 40.99 2.18
N GLU A 459 46.96 40.36 1.55
CA GLU A 459 46.23 40.87 0.37
C GLU A 459 44.78 40.42 0.49
N LEU A 460 43.94 40.91 -0.43
CA LEU A 460 42.52 40.51 -0.57
C LEU A 460 42.39 39.64 -1.83
N ALA A 461 41.63 38.55 -1.75
CA ALA A 461 41.23 37.72 -2.89
C ALA A 461 39.73 37.46 -2.80
N LYS A 462 39.07 37.32 -3.95
CA LYS A 462 37.67 36.88 -4.06
C LYS A 462 37.73 35.37 -4.33
N ASP A 463 37.73 34.56 -3.28
CA ASP A 463 38.01 33.11 -3.36
C ASP A 463 37.30 32.41 -2.20
N ILE A 464 36.73 31.23 -2.44
CA ILE A 464 36.07 30.40 -1.38
C ILE A 464 37.12 29.92 -0.38
N LEU A 465 38.42 29.97 -0.72
CA LEU A 465 39.49 29.32 0.09
C LEU A 465 40.12 30.29 1.09
N VAL A 466 39.64 31.53 1.21
CA VAL A 466 40.19 32.54 2.15
C VAL A 466 39.12 32.95 3.15
N PRO A 467 39.46 33.34 4.40
CA PRO A 467 40.84 33.68 4.78
C PRO A 467 41.83 32.50 4.86
N SER A 468 43.03 32.69 4.31
CA SER A 468 44.13 31.68 4.30
C SER A 468 45.39 32.27 4.92
N PHE A 469 46.30 31.39 5.35
CA PHE A 469 47.57 31.70 6.05
C PHE A 469 48.68 30.80 5.50
N ASP A 470 49.74 31.39 4.96
CA ASP A 470 51.00 30.67 4.61
C ASP A 470 51.91 30.72 5.82
N PRO A 471 52.13 29.59 6.54
CA PRO A 471 52.87 29.64 7.81
C PRO A 471 54.38 29.78 7.62
N LYS A 472 54.88 29.59 6.38
CA LYS A 472 56.30 29.80 5.98
C LYS A 472 56.61 31.30 5.95
N ASN A 473 55.97 32.04 5.04
CA ASN A 473 56.26 33.49 4.80
C ASN A 473 55.25 34.36 5.56
N LYS A 474 54.39 33.75 6.39
CA LYS A 474 53.44 34.45 7.30
C LYS A 474 52.57 35.45 6.52
N HIS A 475 52.20 35.09 5.28
CA HIS A 475 51.32 35.86 4.36
C HIS A 475 49.86 35.46 4.59
N CYS A 476 48.99 36.42 4.93
CA CYS A 476 47.52 36.24 5.12
C CYS A 476 46.78 36.75 3.89
N VAL A 477 45.89 35.93 3.31
CA VAL A 477 44.95 36.37 2.23
C VAL A 477 43.56 36.45 2.86
N PHE A 478 42.89 37.59 2.68
CA PHE A 478 41.58 37.88 3.30
C PHE A 478 40.51 37.87 2.22
N GLN A 479 39.26 37.72 2.67
CA GLN A 479 38.10 37.59 1.77
C GLN A 479 37.73 38.99 1.27
N GLY A 480 37.70 39.18 -0.04
CA GLY A 480 37.26 40.44 -0.67
C GLY A 480 35.80 40.43 -1.09
N ASP A 481 35.16 39.25 -1.11
CA ASP A 481 33.74 39.09 -1.50
C ASP A 481 33.08 38.24 -0.41
N LEU A 482 32.29 38.88 0.45
CA LEU A 482 31.69 38.28 1.66
C LEU A 482 30.76 37.12 1.27
N LEU A 483 30.21 37.13 0.06
CA LEU A 483 29.33 36.04 -0.44
C LEU A 483 30.14 34.77 -0.74
N LEU A 484 31.47 34.86 -0.75
CA LEU A 484 32.32 33.68 -1.04
C LEU A 484 32.87 33.01 0.21
N PHE A 485 32.52 33.45 1.44
CA PHE A 485 32.87 32.68 2.66
C PHE A 485 32.31 31.26 2.53
N SER A 486 33.12 30.24 2.88
CA SER A 486 32.84 28.83 2.50
C SER A 486 33.50 27.85 3.46
N CYS A 487 32.70 27.05 4.17
CA CYS A 487 33.13 25.88 4.95
C CYS A 487 33.75 24.85 4.00
N ALA A 488 33.16 24.69 2.81
CA ALA A 488 33.64 23.82 1.72
C ALA A 488 34.96 24.34 1.15
N GLY A 489 35.84 23.42 0.72
CA GLY A 489 37.03 23.77 -0.08
C GLY A 489 38.30 23.70 0.76
N ALA A 490 39.29 22.95 0.25
CA ALA A 490 40.66 22.83 0.81
C ALA A 490 41.62 23.67 -0.02
N HIS A 491 42.47 24.46 0.63
CA HIS A 491 43.62 25.16 0.00
C HIS A 491 44.71 24.13 -0.33
N PRO A 492 45.21 24.08 -1.59
CA PRO A 492 46.22 23.10 -1.95
C PRO A 492 47.58 23.33 -1.25
N ARG A 493 47.93 24.58 -0.96
CA ARG A 493 49.29 25.00 -0.47
C ARG A 493 49.24 25.57 0.96
N HIS A 494 48.22 26.37 1.29
CA HIS A 494 48.19 27.19 2.53
C HIS A 494 47.21 26.58 3.54
N GLN A 495 47.32 26.99 4.81
CA GLN A 495 46.33 26.69 5.87
C GLN A 495 45.07 27.55 5.68
N ARG A 496 43.89 27.05 6.02
CA ARG A 496 42.66 27.89 6.08
C ARG A 496 42.39 28.29 7.53
N VAL A 497 41.99 29.53 7.76
CA VAL A 497 41.49 30.01 9.09
C VAL A 497 39.98 29.72 9.11
N CYS A 498 39.53 28.89 10.05
CA CYS A 498 38.23 28.17 10.01
C CYS A 498 37.42 28.48 11.24
N PRO A 499 36.16 28.96 11.06
CA PRO A 499 35.25 29.18 12.18
C PRO A 499 34.51 27.89 12.56
N CYS A 500 34.76 27.34 13.75
CA CYS A 500 34.03 26.16 14.26
C CYS A 500 33.14 26.61 15.42
N ARG A 501 32.11 25.82 15.68
CA ARG A 501 31.26 25.92 16.89
C ARG A 501 31.07 24.51 17.45
N ASP A 502 30.70 24.47 18.72
CA ASP A 502 30.19 23.28 19.41
C ASP A 502 28.76 23.02 18.90
N PHE A 503 28.31 21.78 19.05
CA PHE A 503 26.91 21.34 18.86
C PHE A 503 26.49 20.48 20.04
N ILE A 504 25.21 20.56 20.35
CA ILE A 504 24.48 19.65 21.28
C ILE A 504 24.48 18.25 20.63
N LYS A 505 25.02 17.25 21.32
CA LYS A 505 24.94 15.83 20.86
C LYS A 505 23.46 15.50 20.59
N GLY A 506 23.19 14.87 19.43
CA GLY A 506 21.82 14.58 18.98
C GLY A 506 21.12 15.76 18.33
N GLN A 507 21.74 16.94 18.30
CA GLN A 507 21.17 18.19 17.71
C GLN A 507 22.29 19.06 17.12
N VAL A 508 22.85 18.63 15.99
CA VAL A 508 24.07 19.25 15.40
C VAL A 508 23.76 20.65 14.86
N ALA A 509 22.50 20.96 14.52
CA ALA A 509 22.13 22.30 14.00
C ALA A 509 22.30 23.40 15.04
N LEU A 510 22.36 23.08 16.32
CA LEU A 510 22.30 24.08 17.42
C LEU A 510 23.57 23.99 18.27
N CYS A 511 24.19 25.13 18.57
CA CYS A 511 25.29 25.24 19.57
C CYS A 511 24.70 25.17 20.97
N LYS A 512 25.51 24.88 21.99
CA LYS A 512 25.02 24.74 23.39
C LYS A 512 24.25 25.99 23.81
N ASP A 513 24.67 27.21 23.43
CA ASP A 513 24.02 28.46 23.90
C ASP A 513 23.09 29.04 22.83
N CYS A 514 22.52 28.22 21.95
CA CYS A 514 21.73 28.68 20.78
C CYS A 514 20.21 28.61 21.01
N LEU A 515 19.74 28.11 22.16
CA LEU A 515 18.27 27.96 22.41
C LEU A 515 17.66 29.31 22.77
N SER B 1 -8.68 -35.25 18.11
CA SER B 1 -9.85 -35.99 17.59
C SER B 1 -11.07 -35.07 17.50
N LEU B 2 -11.42 -34.31 18.55
CA LEU B 2 -12.46 -33.26 18.45
C LEU B 2 -11.81 -31.92 18.04
N ALA B 3 -12.46 -31.15 17.15
CA ALA B 3 -12.01 -29.81 16.75
C ALA B 3 -12.14 -28.85 17.93
N GLU B 4 -11.10 -28.05 18.17
CA GLU B 4 -11.13 -26.88 19.10
C GLU B 4 -10.90 -25.62 18.27
N ILE B 5 -11.73 -24.58 18.47
CA ILE B 5 -11.56 -23.28 17.77
C ILE B 5 -10.16 -22.73 18.11
N ARG B 6 -9.54 -22.06 17.13
CA ARG B 6 -8.24 -21.37 17.30
C ARG B 6 -8.52 -19.86 17.38
N THR B 7 -7.79 -19.16 18.25
CA THR B 7 -7.98 -17.70 18.49
C THR B 7 -6.66 -16.95 18.31
N ASP B 8 -5.67 -17.62 17.74
CA ASP B 8 -4.27 -17.17 17.59
C ASP B 8 -3.79 -17.62 16.21
N PHE B 9 -3.16 -16.74 15.41
CA PHE B 9 -2.81 -17.02 13.98
C PHE B 9 -1.34 -17.42 13.80
N ASN B 10 -0.56 -17.58 14.86
CA ASN B 10 0.91 -17.82 14.72
C ASN B 10 1.15 -19.09 13.90
N ILE B 11 0.46 -20.19 14.19
CA ILE B 11 0.64 -21.46 13.44
C ILE B 11 0.18 -21.25 11.97
N LEU B 12 -0.91 -20.54 11.72
CA LEU B 12 -1.38 -20.31 10.32
C LEU B 12 -0.27 -19.60 9.54
N TYR B 13 0.25 -18.50 10.08
CA TYR B 13 1.37 -17.71 9.48
C TYR B 13 2.53 -18.66 9.13
N SER B 14 2.94 -19.54 10.03
CA SER B 14 4.00 -20.56 9.80
C SER B 14 3.68 -21.50 8.65
N MET B 15 2.39 -21.76 8.37
CA MET B 15 2.00 -22.71 7.31
C MET B 15 1.99 -21.99 5.96
N MET B 16 1.66 -20.71 5.94
CA MET B 16 1.46 -19.97 4.67
C MET B 16 2.77 -19.30 4.27
N LYS B 17 3.67 -20.07 3.62
CA LYS B 17 5.11 -19.77 3.46
C LYS B 17 5.57 -20.05 2.02
N LYS B 18 6.63 -19.36 1.56
CA LYS B 18 7.45 -19.73 0.38
C LYS B 18 6.77 -19.31 -0.94
N HIS B 19 5.62 -18.63 -0.91
CA HIS B 19 4.94 -18.12 -2.13
C HIS B 19 4.56 -16.67 -1.89
N GLU B 20 4.79 -15.80 -2.87
CA GLU B 20 4.44 -14.36 -2.79
C GLU B 20 2.93 -14.23 -2.54
N GLU B 21 2.14 -15.16 -3.08
CA GLU B 21 0.67 -15.19 -2.90
C GLU B 21 0.34 -15.34 -1.42
N PHE B 22 1.13 -16.16 -0.70
CA PHE B 22 0.91 -16.43 0.75
C PHE B 22 1.37 -15.23 1.57
N ARG B 23 2.41 -14.53 1.10
CA ARG B 23 2.87 -13.27 1.74
C ARG B 23 1.75 -12.25 1.66
N TRP B 24 1.09 -12.13 0.49
CA TRP B 24 -0.01 -11.18 0.26
C TRP B 24 -1.19 -11.52 1.17
N MET B 25 -1.48 -12.83 1.31
CA MET B 25 -2.59 -13.35 2.16
C MET B 25 -2.31 -13.00 3.64
N ARG B 26 -1.07 -13.20 4.12
CA ARG B 26 -0.71 -12.94 5.54
C ARG B 26 -1.00 -11.49 5.90
N LEU B 27 -0.68 -10.55 5.01
CA LEU B 27 -0.97 -9.10 5.22
C LEU B 27 -2.47 -8.93 5.47
N ARG B 28 -3.30 -9.52 4.60
CA ARG B 28 -4.76 -9.36 4.68
C ARG B 28 -5.26 -9.97 6.00
N ILE B 29 -4.74 -11.15 6.34
CA ILE B 29 -5.15 -11.85 7.59
C ILE B 29 -4.80 -10.95 8.80
N ARG B 30 -3.56 -10.43 8.85
CA ARG B 30 -3.09 -9.53 9.95
C ARG B 30 -4.05 -8.33 10.04
N ARG B 31 -4.40 -7.71 8.91
CA ARG B 31 -5.33 -6.55 8.89
C ARG B 31 -6.70 -6.95 9.47
N MET B 32 -7.17 -8.17 9.17
CA MET B 32 -8.56 -8.63 9.48
C MET B 32 -8.60 -9.50 10.76
N ALA B 33 -7.44 -9.76 11.37
CA ALA B 33 -7.28 -10.77 12.44
C ALA B 33 -8.26 -10.53 13.58
N ASP B 34 -8.38 -9.30 14.07
CA ASP B 34 -9.26 -8.97 15.23
C ASP B 34 -10.72 -9.29 14.86
N ALA B 35 -11.13 -8.99 13.63
CA ALA B 35 -12.49 -9.25 13.13
C ALA B 35 -12.75 -10.78 13.10
N TRP B 36 -11.77 -11.56 12.62
CA TRP B 36 -11.85 -13.04 12.52
C TRP B 36 -12.04 -13.63 13.93
N ILE B 37 -11.20 -13.21 14.86
CA ILE B 37 -11.15 -13.81 16.22
C ILE B 37 -12.46 -13.48 16.94
N GLN B 38 -12.96 -12.24 16.87
CA GLN B 38 -14.29 -11.91 17.47
C GLN B 38 -15.36 -12.79 16.84
N ALA B 39 -15.27 -13.07 15.54
CA ALA B 39 -16.28 -13.84 14.78
C ALA B 39 -16.30 -15.31 15.22
N ILE B 40 -15.14 -15.95 15.40
CA ILE B 40 -15.13 -17.39 15.74
C ILE B 40 -15.63 -17.54 17.18
N LYS B 41 -15.29 -16.60 18.06
CA LYS B 41 -15.75 -16.64 19.48
C LYS B 41 -17.25 -16.38 19.53
N SER B 42 -17.75 -15.40 18.77
CA SER B 42 -19.19 -15.10 18.68
C SER B 42 -19.98 -16.30 18.10
N LEU B 43 -19.49 -16.94 17.04
CA LEU B 43 -20.17 -18.15 16.48
C LEU B 43 -20.24 -19.26 17.55
N ALA B 44 -19.13 -19.54 18.27
CA ALA B 44 -19.04 -20.64 19.25
C ALA B 44 -19.97 -20.37 20.46
N GLU B 45 -20.25 -19.12 20.76
CA GLU B 45 -21.16 -18.72 21.88
C GLU B 45 -22.62 -18.84 21.42
N LYS B 46 -22.90 -18.69 20.11
CA LYS B 46 -24.30 -18.59 19.61
C LYS B 46 -24.81 -19.94 19.10
N GLN B 47 -23.90 -20.78 18.59
CA GLN B 47 -24.20 -22.06 17.92
C GLN B 47 -23.35 -23.15 18.53
N ASN B 48 -23.83 -24.40 18.47
CA ASN B 48 -23.11 -25.55 19.05
C ASN B 48 -21.96 -25.96 18.11
N LEU B 49 -20.72 -25.63 18.48
CA LEU B 49 -19.48 -26.03 17.76
C LEU B 49 -18.76 -27.10 18.57
N GLU B 50 -19.39 -27.60 19.63
CA GLU B 50 -18.90 -28.73 20.45
C GLU B 50 -19.07 -30.03 19.67
N LYS B 51 -18.19 -30.98 19.91
CA LYS B 51 -18.31 -32.38 19.43
C LYS B 51 -18.28 -32.41 17.90
N ARG B 52 -17.51 -31.54 17.27
CA ARG B 52 -17.14 -31.68 15.84
C ARG B 52 -15.88 -32.54 15.74
N LYS B 53 -15.88 -33.56 14.88
CA LYS B 53 -14.64 -34.28 14.52
C LYS B 53 -13.66 -33.28 13.87
N ARG B 54 -12.42 -33.31 14.32
CA ARG B 54 -11.28 -32.66 13.66
C ARG B 54 -10.98 -33.40 12.37
N LYS B 55 -11.05 -32.71 11.24
CA LYS B 55 -10.84 -33.34 9.91
C LYS B 55 -9.41 -33.06 9.46
N LYS B 56 -8.77 -34.04 8.82
CA LYS B 56 -7.52 -33.81 8.06
C LYS B 56 -7.94 -33.33 6.66
N VAL B 57 -7.58 -32.11 6.31
CA VAL B 57 -8.06 -31.41 5.10
C VAL B 57 -6.86 -31.12 4.19
N LEU B 58 -6.92 -31.59 2.95
CA LEU B 58 -6.00 -31.18 1.88
C LEU B 58 -6.57 -29.92 1.26
N VAL B 59 -5.73 -28.88 1.18
CA VAL B 59 -6.01 -27.63 0.42
C VAL B 59 -4.93 -27.55 -0.65
N HIS B 60 -5.30 -27.81 -1.91
CA HIS B 60 -4.33 -27.81 -3.03
C HIS B 60 -4.62 -26.63 -3.92
N LEU B 61 -3.74 -25.62 -3.90
CA LEU B 61 -3.90 -24.37 -4.67
C LEU B 61 -3.20 -24.53 -6.02
N GLY B 62 -3.92 -25.13 -6.98
CA GLY B 62 -3.45 -25.31 -8.36
C GLY B 62 -2.94 -24.00 -8.93
N LEU B 63 -3.62 -22.90 -8.59
CA LEU B 63 -3.32 -21.50 -9.02
C LEU B 63 -1.86 -21.10 -8.72
N LEU B 64 -1.31 -21.53 -7.58
CA LEU B 64 0.06 -21.15 -7.13
C LEU B 64 1.14 -22.04 -7.76
N THR B 65 0.78 -23.16 -8.40
CA THR B 65 1.75 -24.11 -9.04
C THR B 65 2.28 -23.50 -10.34
N LYS B 66 3.47 -23.95 -10.75
CA LYS B 66 4.17 -23.52 -11.99
C LYS B 66 3.23 -23.56 -13.20
N GLU B 67 2.24 -24.46 -13.20
CA GLU B 67 1.41 -24.85 -14.37
C GLU B 67 0.21 -23.88 -14.56
N SER B 68 -0.24 -23.17 -13.52
CA SER B 68 -1.41 -22.26 -13.65
C SER B 68 -1.12 -21.13 -14.64
N GLY B 69 0.14 -20.69 -14.71
CA GLY B 69 0.58 -19.51 -15.49
C GLY B 69 0.25 -18.21 -14.76
N PHE B 70 -0.22 -18.29 -13.51
CA PHE B 70 -0.60 -17.12 -12.69
C PHE B 70 0.56 -16.76 -11.74
N LYS B 71 0.93 -15.48 -11.72
CA LYS B 71 1.87 -14.86 -10.74
C LYS B 71 1.21 -13.57 -10.27
N ILE B 72 1.02 -13.40 -8.96
CA ILE B 72 0.23 -12.26 -8.38
C ILE B 72 0.87 -10.94 -8.84
N ALA B 73 2.21 -10.86 -8.84
CA ALA B 73 2.99 -9.68 -9.26
C ALA B 73 2.58 -9.25 -10.69
N GLU B 74 2.59 -10.18 -11.65
CA GLU B 74 2.44 -9.90 -13.11
C GLU B 74 1.14 -9.12 -13.41
N LEU B 82 -6.69 -10.35 -6.43
CA LEU B 82 -7.71 -10.95 -7.34
C LEU B 82 -8.60 -11.89 -6.51
N GLY B 83 -9.85 -12.05 -6.95
CA GLY B 83 -10.92 -12.70 -6.19
C GLY B 83 -10.54 -14.09 -5.75
N GLU B 84 -9.83 -14.84 -6.59
CA GLU B 84 -9.50 -16.25 -6.30
C GLU B 84 -8.61 -16.30 -5.06
N LEU B 85 -7.66 -15.36 -4.95
CA LEU B 85 -6.68 -15.34 -3.83
C LEU B 85 -7.39 -14.95 -2.54
N VAL B 86 -8.35 -14.04 -2.64
CA VAL B 86 -9.20 -13.59 -1.48
C VAL B 86 -9.98 -14.80 -0.98
N GLN B 87 -10.65 -15.50 -1.90
CA GLN B 87 -11.44 -16.70 -1.51
C GLN B 87 -10.54 -17.76 -0.90
N TRP B 88 -9.41 -18.13 -1.51
CA TRP B 88 -8.49 -19.12 -0.92
C TRP B 88 -8.12 -18.72 0.51
N SER B 89 -7.72 -17.45 0.67
CA SER B 89 -7.21 -16.94 1.97
C SER B 89 -8.32 -17.09 3.03
N ASP B 90 -9.54 -16.68 2.70
CA ASP B 90 -10.68 -16.72 3.65
C ASP B 90 -11.09 -18.18 3.93
N LEU B 91 -11.03 -19.07 2.93
CA LEU B 91 -11.36 -20.50 3.16
C LEU B 91 -10.33 -21.07 4.15
N ILE B 92 -9.04 -20.89 3.85
CA ILE B 92 -7.94 -21.43 4.71
C ILE B 92 -8.10 -20.89 6.13
N THR B 93 -8.38 -19.59 6.28
CA THR B 93 -8.51 -18.89 7.58
C THR B 93 -9.67 -19.53 8.33
N SER B 94 -10.81 -19.74 7.65
CA SER B 94 -12.03 -20.31 8.27
C SER B 94 -11.72 -21.72 8.75
N LEU B 95 -11.04 -22.53 7.93
CA LEU B 95 -10.75 -23.93 8.28
C LEU B 95 -9.90 -23.97 9.55
N TYR B 96 -8.94 -23.05 9.61
CA TYR B 96 -7.95 -22.92 10.72
C TYR B 96 -8.67 -22.54 12.02
N LEU B 97 -9.54 -21.53 11.97
CA LEU B 97 -10.28 -21.02 13.15
C LEU B 97 -11.24 -22.09 13.69
N LEU B 98 -11.78 -22.92 12.79
CA LEU B 98 -12.75 -23.99 13.13
C LEU B 98 -12.04 -25.18 13.76
N GLY B 99 -10.71 -25.28 13.69
CA GLY B 99 -9.90 -26.24 14.46
C GLY B 99 -9.45 -27.40 13.60
N HIS B 100 -9.65 -27.35 12.29
CA HIS B 100 -9.35 -28.52 11.42
C HIS B 100 -7.84 -28.62 11.23
N ASP B 101 -7.39 -29.79 10.85
CA ASP B 101 -5.95 -30.07 10.62
C ASP B 101 -5.67 -29.91 9.13
N ILE B 102 -5.13 -28.76 8.75
CA ILE B 102 -5.01 -28.34 7.32
C ILE B 102 -3.63 -28.71 6.82
N ARG B 103 -3.57 -29.35 5.66
CA ARG B 103 -2.29 -29.66 4.98
C ARG B 103 -2.33 -28.88 3.66
N ILE B 104 -1.51 -27.82 3.58
CA ILE B 104 -1.52 -26.85 2.46
C ILE B 104 -0.55 -27.36 1.41
N SER B 105 -0.97 -27.36 0.15
CA SER B 105 -0.17 -27.86 -0.99
C SER B 105 -0.19 -26.81 -2.09
N ALA B 106 0.98 -26.33 -2.54
CA ALA B 106 1.09 -25.39 -3.69
C ALA B 106 2.15 -25.88 -4.66
N SER B 107 2.30 -27.21 -4.74
CA SER B 107 3.21 -27.94 -5.66
C SER B 107 2.67 -29.35 -5.88
N LEU B 108 3.05 -29.98 -7.00
CA LEU B 108 2.73 -31.40 -7.27
C LEU B 108 3.39 -32.26 -6.17
N ALA B 109 4.59 -31.90 -5.70
CA ALA B 109 5.35 -32.71 -4.71
C ALA B 109 4.60 -32.74 -3.37
N GLU B 110 4.12 -31.61 -2.87
CA GLU B 110 3.33 -31.58 -1.61
C GLU B 110 2.05 -32.42 -1.79
N LEU B 111 1.41 -32.31 -2.95
CA LEU B 111 0.13 -33.01 -3.26
C LEU B 111 0.37 -34.52 -3.14
N LYS B 112 1.39 -35.01 -3.85
CA LYS B 112 1.78 -36.44 -3.85
C LYS B 112 2.05 -36.92 -2.41
N GLU B 113 2.82 -36.12 -1.67
CA GLU B 113 3.22 -36.42 -0.27
C GLU B 113 2.01 -36.45 0.67
N ILE B 114 1.13 -35.45 0.60
CA ILE B 114 -0.04 -35.40 1.53
C ILE B 114 -0.96 -36.59 1.23
N MET B 115 -1.25 -36.87 -0.05
CA MET B 115 -2.14 -37.98 -0.45
C MET B 115 -1.42 -39.32 -0.19
N GLY B 116 -0.11 -39.36 -0.40
CA GLY B 116 0.76 -40.49 0.01
C GLY B 116 0.47 -40.97 1.42
N GLY B 117 0.44 -40.05 2.39
CA GLY B 117 0.24 -40.34 3.82
C GLY B 117 -1.15 -40.86 4.20
N GLY B 118 -2.19 -40.63 3.37
CA GLY B 118 -3.56 -41.11 3.66
C GLY B 118 -4.26 -40.39 4.79
N GLY B 119 -5.45 -40.85 5.18
CA GLY B 119 -6.27 -40.26 6.26
C GLY B 119 -6.94 -38.95 5.83
N VAL B 120 -6.84 -38.57 4.56
CA VAL B 120 -7.47 -37.29 4.11
C VAL B 120 -8.98 -37.46 4.17
N GLU B 121 -9.70 -36.51 4.78
CA GLU B 121 -11.18 -36.63 4.93
C GLU B 121 -11.91 -35.59 4.09
N LEU B 122 -11.20 -34.63 3.53
CA LEU B 122 -11.87 -33.49 2.83
C LEU B 122 -10.82 -32.85 1.96
N ILE B 123 -11.20 -32.45 0.74
CA ILE B 123 -10.24 -31.86 -0.23
C ILE B 123 -10.83 -30.57 -0.83
N TYR B 124 -10.15 -29.46 -0.60
CA TYR B 124 -10.42 -28.19 -1.28
C TYR B 124 -9.38 -27.98 -2.36
N ILE B 125 -9.84 -27.71 -3.57
CA ILE B 125 -8.97 -27.70 -4.76
C ILE B 125 -9.62 -26.80 -5.81
N ASP B 126 -8.82 -26.26 -6.72
CA ASP B 126 -9.37 -25.40 -7.79
C ASP B 126 -9.40 -26.24 -9.07
N ILE B 127 -9.88 -25.66 -10.17
CA ILE B 127 -10.06 -26.41 -11.44
C ILE B 127 -8.69 -26.86 -11.98
N VAL B 128 -7.68 -25.98 -12.00
CA VAL B 128 -6.28 -26.33 -12.40
C VAL B 128 -5.76 -27.43 -11.45
N GLY B 129 -5.99 -27.29 -10.15
CA GLY B 129 -5.59 -28.29 -9.14
C GLY B 129 -6.27 -29.63 -9.40
N LEU B 130 -7.52 -29.63 -9.84
CA LEU B 130 -8.27 -30.91 -10.00
C LEU B 130 -7.60 -31.72 -11.12
N ALA B 131 -7.23 -31.10 -12.24
CA ALA B 131 -6.54 -31.82 -13.35
C ALA B 131 -5.23 -32.41 -12.81
N GLN B 132 -4.56 -31.71 -11.90
CA GLN B 132 -3.28 -32.16 -11.30
C GLN B 132 -3.53 -33.33 -10.36
N PHE B 133 -4.65 -33.30 -9.65
CA PHE B 133 -5.09 -34.38 -8.73
C PHE B 133 -5.28 -35.66 -9.55
N LYS B 134 -6.01 -35.60 -10.64
CA LYS B 134 -6.27 -36.80 -11.49
C LYS B 134 -4.93 -37.31 -12.07
N LYS B 135 -4.08 -36.44 -12.58
CA LYS B 135 -2.78 -36.84 -13.20
C LYS B 135 -1.85 -37.42 -12.13
N THR B 136 -1.75 -36.79 -10.96
CA THR B 136 -0.78 -37.18 -9.89
C THR B 136 -1.21 -38.52 -9.25
N LEU B 137 -2.49 -38.71 -8.94
CA LEU B 137 -2.94 -39.95 -8.24
C LEU B 137 -3.13 -41.13 -9.20
N GLY B 138 -3.38 -40.87 -10.48
CA GLY B 138 -3.75 -41.87 -11.48
C GLY B 138 -5.20 -42.32 -11.30
N PRO B 139 -5.54 -43.55 -11.76
CA PRO B 139 -6.94 -43.98 -11.84
C PRO B 139 -7.66 -43.97 -10.49
N SER B 140 -6.95 -44.15 -9.37
CA SER B 140 -7.58 -44.16 -8.03
C SER B 140 -7.95 -42.74 -7.57
N TRP B 141 -7.70 -41.69 -8.37
CA TRP B 141 -8.19 -40.32 -8.05
C TRP B 141 -9.70 -40.39 -7.74
N VAL B 142 -10.45 -41.28 -8.41
CA VAL B 142 -11.93 -41.38 -8.29
C VAL B 142 -12.27 -41.92 -6.90
N HIS B 143 -11.34 -42.62 -6.24
CA HIS B 143 -11.60 -43.16 -4.87
C HIS B 143 -11.94 -41.99 -3.95
N TYR B 144 -11.38 -40.82 -4.19
CA TYR B 144 -11.47 -39.63 -3.29
C TYR B 144 -12.54 -38.64 -3.79
N GLN B 145 -13.23 -38.95 -4.88
CA GLN B 145 -13.96 -37.89 -5.62
C GLN B 145 -15.07 -37.28 -4.74
N CYS B 146 -15.69 -38.04 -3.85
CA CYS B 146 -16.84 -37.55 -3.01
C CYS B 146 -16.34 -36.55 -1.95
N MET B 147 -15.02 -36.51 -1.68
CA MET B 147 -14.41 -35.57 -0.71
C MET B 147 -14.02 -34.24 -1.36
N LEU B 148 -14.08 -34.11 -2.69
CA LEU B 148 -13.66 -32.88 -3.41
C LEU B 148 -14.68 -31.77 -3.18
N ARG B 149 -14.15 -30.58 -2.92
CA ARG B 149 -14.84 -29.27 -2.92
C ARG B 149 -14.04 -28.39 -3.84
N VAL B 150 -14.61 -28.11 -5.01
CA VAL B 150 -13.83 -27.57 -6.15
C VAL B 150 -14.16 -26.07 -6.28
N LEU B 151 -13.20 -25.21 -5.93
CA LEU B 151 -13.37 -23.74 -5.99
C LEU B 151 -13.44 -23.39 -7.47
N ASP B 152 -14.58 -22.88 -7.88
CA ASP B 152 -14.89 -22.66 -9.31
C ASP B 152 -15.74 -21.39 -9.41
N SER B 153 -15.08 -20.26 -9.63
CA SER B 153 -15.66 -18.91 -9.41
C SER B 153 -17.00 -18.76 -10.10
N PHE B 154 -17.02 -18.97 -11.43
CA PHE B 154 -18.18 -18.64 -12.32
C PHE B 154 -19.19 -19.79 -12.35
N GLY B 155 -18.81 -20.98 -11.86
CA GLY B 155 -19.75 -22.10 -11.69
C GLY B 155 -19.72 -23.06 -12.87
N THR B 156 -20.20 -24.29 -12.64
CA THR B 156 -20.32 -25.38 -13.64
C THR B 156 -21.73 -25.90 -13.60
N GLU B 157 -22.42 -25.81 -14.72
CA GLU B 157 -23.81 -26.29 -14.84
C GLU B 157 -23.80 -27.79 -15.12
N PRO B 158 -24.85 -28.54 -14.69
CA PRO B 158 -24.93 -29.99 -14.89
C PRO B 158 -24.73 -30.45 -16.33
N GLU B 159 -25.24 -29.68 -17.28
CA GLU B 159 -25.18 -29.96 -18.72
C GLU B 159 -23.71 -30.10 -19.19
N PHE B 160 -22.78 -29.35 -18.60
CA PHE B 160 -21.33 -29.34 -18.94
C PHE B 160 -20.53 -30.31 -18.09
N ASN B 161 -20.96 -30.53 -16.85
CA ASN B 161 -20.32 -31.41 -15.86
C ASN B 161 -20.38 -32.88 -16.33
N HIS B 162 -21.50 -33.27 -16.94
CA HIS B 162 -21.76 -34.63 -17.48
C HIS B 162 -21.01 -34.75 -18.80
N ALA B 163 -19.87 -35.45 -18.83
CA ALA B 163 -18.98 -35.51 -20.01
C ALA B 163 -19.78 -35.93 -21.27
N ASN B 164 -20.50 -37.05 -21.19
CA ASN B 164 -21.15 -37.66 -22.39
C ASN B 164 -22.32 -36.78 -22.84
N TYR B 165 -23.09 -36.19 -21.91
CA TYR B 165 -24.25 -35.32 -22.26
C TYR B 165 -23.73 -34.05 -22.93
N ALA B 166 -22.61 -33.51 -22.45
CA ALA B 166 -21.97 -32.30 -23.00
C ALA B 166 -21.57 -32.59 -24.46
N GLN B 167 -20.89 -33.71 -24.70
CA GLN B 167 -20.54 -34.17 -26.06
C GLN B 167 -21.81 -34.28 -26.94
N SER B 168 -22.88 -34.88 -26.42
CA SER B 168 -24.15 -35.13 -27.15
C SER B 168 -24.91 -33.82 -27.47
N LYS B 169 -24.68 -32.75 -26.70
CA LYS B 169 -25.28 -31.41 -26.95
C LYS B 169 -24.35 -30.59 -27.85
N GLY B 170 -23.18 -31.13 -28.21
CA GLY B 170 -22.29 -30.52 -29.21
C GLY B 170 -21.39 -29.45 -28.62
N HIS B 171 -21.35 -29.29 -27.27
CA HIS B 171 -20.41 -28.41 -26.56
C HIS B 171 -19.00 -28.85 -26.93
N LYS B 172 -18.13 -27.88 -27.20
CA LYS B 172 -16.73 -28.02 -27.65
C LYS B 172 -15.93 -27.09 -26.75
N THR B 173 -15.86 -27.47 -25.47
CA THR B 173 -15.08 -26.76 -24.41
C THR B 173 -14.16 -27.79 -23.79
N PRO B 174 -12.94 -27.43 -23.32
CA PRO B 174 -12.13 -28.36 -22.54
C PRO B 174 -12.64 -28.46 -21.09
N TRP B 175 -13.47 -27.50 -20.67
CA TRP B 175 -13.89 -27.36 -19.24
C TRP B 175 -15.09 -28.27 -18.97
N GLY B 176 -15.45 -28.42 -17.69
CA GLY B 176 -16.48 -29.37 -17.28
C GLY B 176 -15.97 -30.81 -17.40
N LYS B 177 -16.92 -31.73 -17.60
CA LYS B 177 -16.71 -33.17 -17.87
C LYS B 177 -16.12 -33.90 -16.64
N TRP B 178 -16.18 -33.36 -15.42
CA TRP B 178 -15.61 -34.05 -14.22
C TRP B 178 -16.59 -35.10 -13.70
N ASN B 179 -17.88 -35.02 -14.06
CA ASN B 179 -18.92 -36.00 -13.64
C ASN B 179 -19.01 -36.00 -12.10
N LEU B 180 -18.80 -34.86 -11.47
CA LEU B 180 -19.01 -34.76 -9.98
C LEU B 180 -20.49 -34.55 -9.67
N ASN B 181 -20.85 -34.57 -8.39
CA ASN B 181 -22.14 -34.00 -7.95
C ASN B 181 -21.93 -32.50 -8.11
N PRO B 182 -22.74 -31.78 -8.92
CA PRO B 182 -22.48 -30.35 -9.15
C PRO B 182 -22.51 -29.47 -7.89
N GLN B 183 -23.06 -29.95 -6.77
CA GLN B 183 -22.97 -29.16 -5.50
C GLN B 183 -21.55 -29.19 -4.95
N GLN B 184 -20.65 -29.99 -5.53
CA GLN B 184 -19.21 -30.03 -5.11
C GLN B 184 -18.44 -28.84 -5.67
N PHE B 185 -18.97 -28.16 -6.68
CA PHE B 185 -18.40 -26.90 -7.21
C PHE B 185 -18.83 -25.77 -6.27
N TYR B 186 -17.83 -24.99 -5.84
CA TYR B 186 -17.94 -23.89 -4.88
C TYR B 186 -17.70 -22.56 -5.60
N THR B 187 -18.69 -21.67 -5.59
CA THR B 187 -18.70 -20.43 -6.39
C THR B 187 -18.38 -19.18 -5.56
N MET B 188 -18.05 -18.09 -6.28
CA MET B 188 -17.64 -16.79 -5.70
C MET B 188 -18.87 -16.07 -5.17
N PHE B 189 -19.97 -16.16 -5.91
CA PHE B 189 -21.30 -15.57 -5.62
C PHE B 189 -22.38 -16.63 -5.78
N PRO B 190 -23.55 -16.45 -5.13
CA PRO B 190 -24.65 -17.41 -5.21
C PRO B 190 -25.48 -17.26 -6.49
N HIS B 191 -24.84 -17.42 -7.65
CA HIS B 191 -25.43 -17.21 -8.99
C HIS B 191 -25.86 -18.56 -9.60
N THR B 192 -25.38 -19.70 -9.07
CA THR B 192 -25.58 -21.05 -9.70
C THR B 192 -26.06 -22.03 -8.65
N PRO B 193 -27.39 -22.13 -8.42
CA PRO B 193 -27.92 -22.99 -7.36
C PRO B 193 -27.63 -24.49 -7.60
N ASP B 194 -27.26 -24.89 -8.81
CA ASP B 194 -26.70 -26.25 -9.03
C ASP B 194 -25.38 -26.42 -8.25
N ASN B 195 -24.69 -25.32 -7.96
CA ASN B 195 -23.39 -25.35 -7.24
C ASN B 195 -23.62 -24.90 -5.79
N SER B 196 -22.60 -25.03 -4.95
CA SER B 196 -22.61 -24.43 -3.60
C SER B 196 -21.93 -23.05 -3.66
N PHE B 197 -22.49 -22.06 -2.94
CA PHE B 197 -21.88 -20.73 -2.73
C PHE B 197 -20.82 -20.79 -1.62
N LEU B 198 -19.55 -20.57 -1.96
CA LEU B 198 -18.46 -20.46 -0.95
C LEU B 198 -18.29 -19.00 -0.56
N GLY B 199 -18.11 -18.14 -1.56
CA GLY B 199 -17.79 -16.70 -1.40
C GLY B 199 -16.49 -16.47 -0.65
N PHE B 200 -16.48 -15.43 0.19
CA PHE B 200 -15.28 -14.83 0.82
C PHE B 200 -15.80 -13.79 1.83
N VAL B 201 -14.88 -13.10 2.49
CA VAL B 201 -15.21 -12.02 3.46
C VAL B 201 -14.79 -10.69 2.82
N VAL B 202 -15.69 -9.71 2.91
CA VAL B 202 -15.48 -8.32 2.43
C VAL B 202 -14.77 -7.56 3.55
N GLU B 203 -13.53 -7.14 3.30
CA GLU B 203 -12.76 -6.27 4.24
C GLU B 203 -13.41 -4.89 4.37
N GLN B 204 -13.61 -4.43 5.61
CA GLN B 204 -14.07 -3.06 5.93
C GLN B 204 -13.32 -2.60 7.18
N HIS B 205 -12.83 -1.36 7.23
CA HIS B 205 -12.14 -0.80 8.42
C HIS B 205 -12.85 0.47 8.89
N LEU B 206 -14.19 0.42 8.97
CA LEU B 206 -15.09 1.47 9.51
C LEU B 206 -15.72 0.98 10.82
N ASP B 210 -16.51 6.31 13.00
CA ASP B 210 -16.28 6.30 11.53
C ASP B 210 -17.62 6.31 10.80
N ILE B 211 -18.47 5.33 11.11
CA ILE B 211 -19.83 5.14 10.49
C ILE B 211 -20.70 6.34 10.87
N HIS B 212 -20.68 6.74 12.15
CA HIS B 212 -21.45 7.92 12.67
C HIS B 212 -21.00 9.18 11.95
N HIS B 213 -19.69 9.32 11.69
CA HIS B 213 -19.03 10.53 11.16
C HIS B 213 -18.70 10.37 9.67
N ILE B 214 -19.25 9.35 9.00
CA ILE B 214 -18.80 8.92 7.64
C ILE B 214 -19.02 10.06 6.64
N ASN B 215 -20.03 10.93 6.86
CA ASN B 215 -20.30 12.15 6.05
C ASN B 215 -19.07 13.06 6.04
N GLU B 216 -18.46 13.24 7.22
CA GLU B 216 -17.26 14.09 7.43
C GLU B 216 -16.05 13.46 6.75
N ILE B 217 -15.88 12.13 6.87
CA ILE B 217 -14.68 11.40 6.37
C ILE B 217 -14.72 11.39 4.84
N LYS B 218 -15.90 11.18 4.25
CA LYS B 218 -16.02 11.04 2.77
C LYS B 218 -15.90 12.40 2.10
N ARG B 219 -15.13 12.48 1.01
CA ARG B 219 -15.13 13.66 0.11
C ARG B 219 -16.30 13.46 -0.87
N GLN B 220 -17.34 14.27 -0.71
CA GLN B 220 -18.67 14.04 -1.34
C GLN B 220 -18.52 13.97 -2.86
N ASN B 221 -17.52 14.63 -3.44
CA ASN B 221 -17.36 14.67 -4.92
C ASN B 221 -16.12 13.85 -5.36
N GLN B 222 -15.65 12.89 -4.56
CA GLN B 222 -14.53 11.98 -4.96
C GLN B 222 -15.05 10.68 -5.61
N SER B 223 -14.71 10.41 -6.86
CA SER B 223 -15.00 9.12 -7.51
C SER B 223 -13.68 8.39 -7.77
N LEU B 224 -13.74 7.07 -7.79
CA LEU B 224 -12.56 6.20 -8.03
C LEU B 224 -12.97 5.18 -9.08
N VAL B 225 -12.21 5.09 -10.16
CA VAL B 225 -12.44 4.11 -11.25
C VAL B 225 -11.89 2.74 -10.82
N TYR B 226 -12.72 1.72 -11.03
CA TYR B 226 -12.45 0.29 -10.83
C TYR B 226 -11.81 -0.24 -12.11
N GLY B 227 -10.57 -0.74 -12.04
CA GLY B 227 -9.88 -1.26 -13.25
C GLY B 227 -8.43 -0.81 -13.27
N LYS B 228 -7.51 -1.72 -12.94
CA LYS B 228 -6.06 -1.43 -12.69
C LYS B 228 -5.26 -1.49 -14.00
N VAL B 229 -5.89 -1.78 -15.14
CA VAL B 229 -5.22 -1.88 -16.47
C VAL B 229 -5.88 -0.88 -17.43
N ASP B 230 -5.07 -0.25 -18.29
CA ASP B 230 -5.46 0.86 -19.19
C ASP B 230 -6.46 0.37 -20.25
N SER B 231 -6.26 -0.84 -20.77
CA SER B 231 -7.10 -1.51 -21.80
C SER B 231 -8.58 -1.44 -21.41
N PHE B 232 -8.89 -1.60 -20.11
CA PHE B 232 -10.27 -1.61 -19.55
C PHE B 232 -10.96 -0.25 -19.79
N TRP B 233 -10.19 0.82 -20.00
CA TRP B 233 -10.68 2.23 -20.10
C TRP B 233 -11.12 2.61 -21.51
N LYS B 234 -10.90 1.73 -22.51
CA LYS B 234 -11.22 1.97 -23.94
C LYS B 234 -12.72 2.28 -24.10
N ASN B 235 -13.05 3.46 -24.67
CA ASN B 235 -14.41 3.87 -25.14
C ASN B 235 -15.32 4.26 -23.96
N LYS B 236 -14.76 4.83 -22.88
CA LYS B 236 -15.52 5.24 -21.68
C LYS B 236 -15.37 6.76 -21.49
N LYS B 237 -14.88 7.47 -22.51
CA LYS B 237 -14.56 8.91 -22.42
C LYS B 237 -15.84 9.69 -22.05
N ILE B 238 -16.94 9.45 -22.79
CA ILE B 238 -18.22 10.18 -22.58
C ILE B 238 -18.71 9.90 -21.16
N TYR B 239 -18.70 8.62 -20.77
CA TYR B 239 -19.05 8.09 -19.44
C TYR B 239 -18.25 8.85 -18.38
N LEU B 240 -16.92 8.84 -18.52
CA LEU B 240 -16.04 9.47 -17.50
C LEU B 240 -16.26 10.98 -17.49
N ASP B 241 -16.50 11.63 -18.64
CA ASP B 241 -16.71 13.11 -18.76
C ASP B 241 -17.97 13.51 -17.99
N ILE B 242 -19.04 12.72 -18.08
CA ILE B 242 -20.31 12.96 -17.33
C ILE B 242 -20.00 12.90 -15.83
N ILE B 243 -19.28 11.88 -15.38
CA ILE B 243 -18.91 11.73 -13.94
C ILE B 243 -18.07 12.96 -13.53
N HIS B 244 -17.05 13.31 -14.33
CA HIS B 244 -16.11 14.44 -14.09
C HIS B 244 -16.84 15.79 -14.06
N THR B 245 -18.02 15.92 -14.69
CA THR B 245 -18.87 17.14 -14.61
C THR B 245 -19.19 17.43 -13.15
N TYR B 246 -19.39 16.40 -12.31
CA TYR B 246 -19.89 16.51 -10.91
C TYR B 246 -18.83 16.08 -9.89
N MET B 247 -17.78 15.37 -10.31
CA MET B 247 -16.84 14.72 -9.35
C MET B 247 -15.42 14.68 -9.88
N GLU B 248 -14.46 14.72 -8.96
CA GLU B 248 -13.05 14.32 -9.21
C GLU B 248 -13.06 12.83 -9.58
N VAL B 249 -12.25 12.45 -10.57
CA VAL B 249 -12.08 11.07 -11.05
C VAL B 249 -10.67 10.61 -10.66
N HIS B 250 -10.58 9.66 -9.73
CA HIS B 250 -9.31 9.05 -9.28
C HIS B 250 -9.14 7.70 -9.98
N ALA B 251 -7.93 7.17 -9.97
CA ALA B 251 -7.59 5.86 -10.57
C ALA B 251 -6.41 5.23 -9.81
N THR B 252 -6.23 3.92 -9.98
CA THR B 252 -5.08 3.14 -9.46
C THR B 252 -4.56 2.26 -10.61
N VAL B 253 -3.93 2.87 -11.61
CA VAL B 253 -3.52 2.20 -12.88
C VAL B 253 -1.99 2.15 -12.94
N TYR B 254 -1.41 1.07 -13.48
CA TYR B 254 0.03 0.98 -13.84
C TYR B 254 0.19 1.18 -15.35
N THR B 258 -1.28 4.08 -19.63
CA THR B 258 -2.06 5.32 -19.33
C THR B 258 -2.28 6.12 -20.62
N LYS B 259 -2.85 5.48 -21.66
CA LYS B 259 -3.19 6.10 -22.97
C LYS B 259 -4.67 6.49 -23.00
N ASN B 260 -5.55 5.60 -22.52
CA ASN B 260 -7.03 5.74 -22.54
C ASN B 260 -7.51 6.63 -21.37
N ILE B 261 -6.60 7.06 -20.50
CA ILE B 261 -6.90 7.78 -19.22
C ILE B 261 -6.97 9.28 -19.50
N PRO B 262 -8.15 9.94 -19.43
CA PRO B 262 -8.20 11.40 -19.55
C PRO B 262 -7.26 12.15 -18.60
N SER B 263 -6.81 13.32 -19.05
CA SER B 263 -5.83 14.22 -18.37
C SER B 263 -6.27 14.56 -16.95
N TYR B 264 -7.56 14.78 -16.72
CA TYR B 264 -8.13 15.21 -15.40
C TYR B 264 -8.08 14.07 -14.36
N VAL B 265 -7.77 12.83 -14.77
CA VAL B 265 -7.79 11.67 -13.83
C VAL B 265 -6.63 11.82 -12.85
N LYS B 266 -6.89 11.68 -11.55
CA LYS B 266 -5.86 11.65 -10.48
C LYS B 266 -5.44 10.20 -10.25
N ASN B 267 -4.40 9.76 -10.96
CA ASN B 267 -3.87 8.39 -10.87
C ASN B 267 -2.95 8.27 -9.64
N HIS B 268 -3.20 7.33 -8.73
CA HIS B 268 -2.35 7.03 -7.54
C HIS B 268 -1.38 5.87 -7.83
N GLY B 269 -1.48 5.24 -9.00
CA GLY B 269 -0.78 3.98 -9.32
C GLY B 269 -1.20 2.82 -8.44
N ILE B 270 -0.36 1.78 -8.36
CA ILE B 270 -0.58 0.57 -7.52
C ILE B 270 -0.65 1.01 -6.05
N LEU B 271 -1.70 0.58 -5.33
CA LEU B 271 -1.82 0.80 -3.86
C LEU B 271 -1.80 -0.56 -3.16
N SER B 272 -1.13 -0.65 -2.01
CA SER B 272 -1.28 -1.76 -1.01
C SER B 272 -2.71 -1.78 -0.49
N GLY B 273 -3.20 -2.96 -0.14
CA GLY B 273 -4.56 -3.23 0.38
C GLY B 273 -4.97 -2.19 1.40
N ARG B 274 -4.10 -1.91 2.38
CA ARG B 274 -4.38 -0.94 3.48
C ARG B 274 -4.66 0.45 2.90
N ASP B 275 -3.80 0.95 2.00
CA ASP B 275 -3.87 2.33 1.42
C ASP B 275 -5.12 2.46 0.55
N LEU B 276 -5.40 1.43 -0.24
CA LEU B 276 -6.64 1.32 -1.04
C LEU B 276 -7.84 1.47 -0.09
N GLN B 277 -7.82 0.81 1.06
CA GLN B 277 -8.93 0.91 2.03
C GLN B 277 -9.08 2.38 2.48
N PHE B 278 -7.98 3.09 2.68
CA PHE B 278 -7.98 4.55 3.03
C PHE B 278 -8.62 5.34 1.88
N LEU B 279 -8.20 5.08 0.65
CA LEU B 279 -8.77 5.71 -0.57
C LEU B 279 -10.29 5.46 -0.62
N LEU B 280 -10.73 4.20 -0.43
CA LEU B 280 -12.17 3.84 -0.48
C LEU B 280 -12.90 4.58 0.64
N ARG B 281 -12.32 4.65 1.84
CA ARG B 281 -12.94 5.36 3.00
C ARG B 281 -13.33 6.78 2.55
N GLU B 282 -12.48 7.46 1.77
CA GLU B 282 -12.75 8.88 1.38
C GLU B 282 -13.63 8.97 0.12
N THR B 283 -13.85 7.87 -0.60
CA THR B 283 -14.47 7.87 -1.95
C THR B 283 -16.00 7.79 -1.81
N LYS B 284 -16.70 8.66 -2.54
CA LYS B 284 -18.18 8.65 -2.61
C LYS B 284 -18.65 7.62 -3.63
N LEU B 285 -17.97 7.48 -4.76
CA LEU B 285 -18.48 6.70 -5.92
C LEU B 285 -17.36 5.84 -6.51
N PHE B 286 -17.60 4.52 -6.57
CA PHE B 286 -16.69 3.52 -7.19
C PHE B 286 -17.26 3.24 -8.59
N VAL B 287 -16.46 3.47 -9.63
CA VAL B 287 -16.96 3.48 -11.03
C VAL B 287 -16.52 2.22 -11.76
N GLY B 288 -17.48 1.41 -12.19
CA GLY B 288 -17.22 0.21 -12.98
C GLY B 288 -17.09 0.60 -14.44
N LEU B 289 -16.21 -0.06 -15.16
CA LEU B 289 -16.03 0.14 -16.62
C LEU B 289 -16.59 -1.05 -17.41
N GLY B 290 -17.00 -2.15 -16.76
CA GLY B 290 -17.55 -3.34 -17.44
C GLY B 290 -16.74 -4.58 -17.16
N PHE B 291 -15.50 -4.41 -16.72
CA PHE B 291 -14.57 -5.53 -16.44
C PHE B 291 -13.70 -5.11 -15.26
N PRO B 292 -13.32 -5.97 -14.30
CA PRO B 292 -13.66 -7.39 -14.29
C PRO B 292 -15.08 -7.73 -13.82
N TYR B 293 -15.49 -8.97 -14.10
CA TYR B 293 -16.84 -9.47 -13.77
C TYR B 293 -16.86 -10.02 -12.35
N GLU B 294 -17.85 -9.63 -11.56
CA GLU B 294 -18.19 -10.34 -10.29
C GLU B 294 -16.93 -10.54 -9.44
N GLY B 295 -16.19 -9.46 -9.18
CA GLY B 295 -15.03 -9.52 -8.28
C GLY B 295 -15.41 -9.08 -6.88
N PRO B 296 -14.46 -9.21 -5.92
CA PRO B 296 -14.70 -8.69 -4.57
C PRO B 296 -14.74 -7.16 -4.43
N ALA B 297 -14.04 -6.40 -5.29
CA ALA B 297 -13.71 -4.98 -5.04
C ALA B 297 -14.98 -4.15 -4.91
N PRO B 298 -16.05 -4.33 -5.72
CA PRO B 298 -17.22 -3.48 -5.55
C PRO B 298 -17.88 -3.71 -4.17
N LEU B 299 -17.88 -4.93 -3.64
CA LEU B 299 -18.49 -5.18 -2.30
C LEU B 299 -17.63 -4.47 -1.24
N GLU B 300 -16.31 -4.45 -1.40
CA GLU B 300 -15.39 -3.75 -0.49
C GLU B 300 -15.68 -2.25 -0.53
N ALA B 301 -15.84 -1.66 -1.71
CA ALA B 301 -16.25 -0.25 -1.87
C ALA B 301 -17.53 0.02 -1.06
N ILE B 302 -18.55 -0.83 -1.23
CA ILE B 302 -19.91 -0.66 -0.63
C ILE B 302 -19.82 -0.79 0.90
N ALA B 303 -18.98 -1.70 1.39
CA ALA B 303 -18.71 -1.92 2.83
C ALA B 303 -18.07 -0.66 3.43
N ASN B 304 -17.38 0.12 2.60
CA ASN B 304 -16.68 1.36 3.02
C ASN B 304 -17.53 2.60 2.75
N GLY B 305 -18.80 2.45 2.42
CA GLY B 305 -19.71 3.59 2.26
C GLY B 305 -19.76 4.10 0.83
N CYS B 306 -19.03 3.47 -0.11
CA CYS B 306 -19.06 3.92 -1.53
C CYS B 306 -20.34 3.43 -2.20
N ALA B 307 -20.90 4.23 -3.10
CA ALA B 307 -21.86 3.77 -4.10
C ALA B 307 -21.03 3.15 -5.23
N PHE B 308 -21.59 2.17 -5.93
CA PHE B 308 -20.95 1.49 -7.07
C PHE B 308 -21.80 1.74 -8.31
N LEU B 309 -21.20 2.28 -9.34
CA LEU B 309 -21.84 2.52 -10.65
C LEU B 309 -21.52 1.28 -11.49
N ASN B 310 -22.55 0.46 -11.68
CA ASN B 310 -22.50 -0.93 -12.17
C ASN B 310 -23.00 -0.96 -13.61
N PRO B 311 -22.11 -1.13 -14.60
CA PRO B 311 -22.54 -1.19 -16.00
C PRO B 311 -23.54 -2.33 -16.26
N LYS B 312 -24.68 -1.96 -16.85
CA LYS B 312 -25.74 -2.89 -17.26
C LYS B 312 -25.37 -3.52 -18.59
N PHE B 313 -25.64 -4.80 -18.75
CA PHE B 313 -25.36 -5.56 -20.00
C PHE B 313 -26.69 -5.94 -20.64
N ASN B 314 -26.99 -5.35 -21.78
CA ASN B 314 -28.16 -5.68 -22.62
C ASN B 314 -27.61 -5.75 -24.05
N PRO B 315 -27.46 -6.95 -24.65
CA PRO B 315 -27.89 -8.22 -24.05
C PRO B 315 -26.98 -8.68 -22.91
N PRO B 316 -27.44 -9.61 -22.05
CA PRO B 316 -26.59 -10.12 -20.96
C PRO B 316 -25.37 -10.86 -21.56
N LYS B 317 -24.27 -10.84 -20.84
CA LYS B 317 -22.99 -11.42 -21.33
C LYS B 317 -22.96 -12.89 -20.92
N SER B 318 -22.59 -13.76 -21.83
CA SER B 318 -22.50 -15.21 -21.53
C SER B 318 -21.47 -15.89 -22.43
N SER B 319 -21.31 -17.20 -22.21
CA SER B 319 -20.39 -18.08 -22.98
C SER B 319 -20.84 -18.13 -24.44
N LYS B 320 -22.01 -17.57 -24.76
CA LYS B 320 -22.56 -17.51 -26.15
C LYS B 320 -22.14 -16.23 -26.89
N ASN B 321 -21.75 -15.12 -26.22
CA ASN B 321 -21.58 -13.83 -26.96
C ASN B 321 -20.34 -13.05 -26.50
N THR B 322 -19.55 -13.56 -25.55
CA THR B 322 -18.48 -12.78 -24.89
C THR B 322 -17.22 -13.65 -24.85
N ASP B 323 -16.15 -13.20 -25.49
CA ASP B 323 -14.90 -13.97 -25.68
C ASP B 323 -14.43 -14.52 -24.33
N PHE B 324 -14.35 -13.68 -23.31
CA PHE B 324 -13.97 -14.06 -21.92
C PHE B 324 -14.71 -15.31 -21.45
N PHE B 325 -15.97 -15.51 -21.85
CA PHE B 325 -16.85 -16.57 -21.28
C PHE B 325 -16.87 -17.80 -22.19
N ILE B 326 -16.42 -17.69 -23.46
CA ILE B 326 -16.56 -18.80 -24.44
C ILE B 326 -15.81 -19.98 -23.83
N GLY B 327 -16.42 -21.16 -23.78
CA GLY B 327 -15.71 -22.35 -23.24
C GLY B 327 -15.96 -22.54 -21.76
N LYS B 328 -16.43 -21.51 -21.04
CA LYS B 328 -16.86 -21.66 -19.62
C LYS B 328 -18.00 -22.66 -19.52
N PRO B 329 -17.93 -23.63 -18.57
CA PRO B 329 -18.89 -24.72 -18.49
C PRO B 329 -20.23 -24.31 -17.85
N THR B 330 -20.82 -23.27 -18.42
CA THR B 330 -22.10 -22.68 -17.95
C THR B 330 -22.66 -21.80 -19.08
N LEU B 331 -23.97 -21.72 -19.16
CA LEU B 331 -24.74 -20.82 -20.06
C LEU B 331 -25.30 -19.68 -19.23
N ARG B 332 -24.93 -19.59 -17.95
CA ARG B 332 -25.38 -18.46 -17.11
C ARG B 332 -25.05 -17.12 -17.77
N GLU B 333 -26.00 -16.19 -17.71
CA GLU B 333 -25.95 -14.86 -18.36
C GLU B 333 -25.78 -13.77 -17.28
N LEU B 334 -24.83 -12.85 -17.45
CA LEU B 334 -24.58 -11.72 -16.51
C LEU B 334 -25.36 -10.50 -17.00
N THR B 335 -26.24 -9.95 -16.16
CA THR B 335 -27.11 -8.79 -16.50
C THR B 335 -26.36 -7.47 -16.29
N SER B 336 -25.18 -7.52 -15.66
CA SER B 336 -24.36 -6.36 -15.28
C SER B 336 -22.95 -6.87 -14.95
N GLN B 337 -22.00 -5.97 -14.77
CA GLN B 337 -20.61 -6.29 -14.36
C GLN B 337 -20.65 -7.12 -13.07
N HIS B 338 -21.58 -6.80 -12.16
CA HIS B 338 -21.69 -7.43 -10.81
C HIS B 338 -23.15 -7.76 -10.54
N PRO B 339 -23.66 -8.91 -11.06
CA PRO B 339 -25.08 -9.25 -10.89
C PRO B 339 -25.52 -9.40 -9.43
N TYR B 340 -24.65 -9.91 -8.58
CA TYR B 340 -24.93 -10.02 -7.12
C TYR B 340 -25.22 -8.62 -6.55
N ALA B 341 -24.33 -7.65 -6.80
CA ALA B 341 -24.48 -6.25 -6.36
C ALA B 341 -25.78 -5.68 -6.92
N GLU B 342 -26.08 -5.96 -8.19
CA GLU B 342 -27.29 -5.46 -8.86
C GLU B 342 -28.54 -6.02 -8.14
N VAL B 343 -28.62 -7.32 -7.92
CA VAL B 343 -29.91 -8.01 -7.59
C VAL B 343 -30.07 -8.10 -6.07
N PHE B 344 -29.02 -8.44 -5.31
CA PHE B 344 -29.10 -8.69 -3.85
C PHE B 344 -28.85 -7.40 -3.06
N ILE B 345 -28.24 -6.38 -3.65
CA ILE B 345 -27.95 -5.07 -2.97
C ILE B 345 -28.80 -3.96 -3.56
N GLY B 346 -28.58 -3.56 -4.82
CA GLY B 346 -29.42 -2.54 -5.47
C GLY B 346 -29.22 -1.14 -4.89
N ARG B 347 -30.09 -0.21 -5.29
CA ARG B 347 -30.02 1.20 -4.84
C ARG B 347 -30.28 1.19 -3.34
N PRO B 348 -29.70 2.11 -2.55
CA PRO B 348 -28.88 3.19 -3.07
C PRO B 348 -27.38 2.87 -3.25
N HIS B 349 -26.94 1.69 -2.81
CA HIS B 349 -25.51 1.30 -2.79
C HIS B 349 -25.01 1.02 -4.21
N VAL B 350 -25.91 0.58 -5.09
CA VAL B 350 -25.55 0.11 -6.44
C VAL B 350 -26.54 0.71 -7.44
N TRP B 351 -26.00 1.42 -8.43
CA TRP B 351 -26.76 1.99 -9.57
C TRP B 351 -26.31 1.22 -10.79
N THR B 352 -27.19 0.35 -11.27
CA THR B 352 -26.97 -0.46 -12.48
C THR B 352 -27.49 0.35 -13.67
N VAL B 353 -26.59 0.82 -14.52
CA VAL B 353 -26.95 1.81 -15.57
C VAL B 353 -26.36 1.35 -16.89
N ASP B 354 -27.03 1.72 -17.97
CA ASP B 354 -26.48 1.66 -19.34
C ASP B 354 -25.44 2.76 -19.49
N LEU B 355 -24.18 2.35 -19.64
CA LEU B 355 -22.99 3.21 -19.80
C LEU B 355 -23.18 4.19 -20.97
N ASN B 356 -23.87 3.78 -22.04
CA ASN B 356 -24.09 4.57 -23.28
C ASN B 356 -25.34 5.45 -23.15
N ASN B 357 -26.12 5.32 -22.06
CA ASN B 357 -27.31 6.18 -21.78
C ASN B 357 -26.85 7.39 -20.95
N GLN B 358 -26.55 8.51 -21.63
CA GLN B 358 -25.89 9.69 -21.03
C GLN B 358 -26.80 10.25 -19.94
N GLU B 359 -28.11 10.27 -20.19
CA GLU B 359 -29.11 10.83 -19.25
C GLU B 359 -29.16 9.98 -17.98
N GLU B 360 -29.18 8.65 -18.13
CA GLU B 360 -29.30 7.69 -16.99
C GLU B 360 -28.03 7.80 -16.13
N VAL B 361 -26.87 7.88 -16.77
CA VAL B 361 -25.55 8.05 -16.06
C VAL B 361 -25.56 9.39 -15.31
N GLU B 362 -25.98 10.48 -15.94
CA GLU B 362 -26.02 11.81 -15.26
C GLU B 362 -26.99 11.75 -14.07
N ASP B 363 -28.17 11.15 -14.23
CA ASP B 363 -29.19 11.09 -13.14
C ASP B 363 -28.63 10.26 -11.99
N ALA B 364 -27.94 9.15 -12.29
CA ALA B 364 -27.33 8.26 -11.29
C ALA B 364 -26.27 9.07 -10.52
N VAL B 365 -25.39 9.74 -11.22
CA VAL B 365 -24.26 10.49 -10.59
C VAL B 365 -24.84 11.63 -9.72
N LYS B 366 -25.84 12.36 -10.22
CA LYS B 366 -26.50 13.43 -9.44
C LYS B 366 -27.16 12.86 -8.19
N ALA B 367 -27.87 11.73 -8.30
CA ALA B 367 -28.54 11.06 -7.18
C ALA B 367 -27.49 10.62 -6.15
N ILE B 368 -26.40 10.03 -6.62
CA ILE B 368 -25.35 9.49 -5.70
C ILE B 368 -24.76 10.63 -4.90
N LEU B 369 -24.52 11.77 -5.55
CA LEU B 369 -23.96 12.99 -4.90
C LEU B 369 -24.86 13.43 -3.76
N ASN B 370 -26.18 13.30 -3.91
CA ASN B 370 -27.18 13.76 -2.91
C ASN B 370 -27.53 12.62 -1.93
N GLN B 371 -26.92 11.43 -2.06
CA GLN B 371 -27.26 10.28 -1.19
C GLN B 371 -26.58 10.44 0.17
N LYS B 372 -27.28 10.01 1.21
CA LYS B 372 -26.70 9.85 2.56
C LYS B 372 -25.88 8.57 2.55
N ILE B 373 -24.72 8.62 3.16
CA ILE B 373 -23.73 7.51 3.16
C ILE B 373 -24.24 6.45 4.13
N GLU B 374 -24.31 5.19 3.70
CA GLU B 374 -24.79 4.03 4.50
C GLU B 374 -23.94 2.80 4.18
N PRO B 375 -22.84 2.59 4.93
CA PRO B 375 -21.97 1.43 4.72
C PRO B 375 -22.78 0.14 4.92
N TYR B 376 -22.62 -0.81 3.99
CA TYR B 376 -23.45 -2.04 3.96
C TYR B 376 -22.60 -3.24 3.53
N MET B 377 -22.90 -4.37 4.16
CA MET B 377 -22.17 -5.65 4.05
C MET B 377 -23.22 -6.74 4.24
N PRO B 378 -23.52 -7.59 3.23
CA PRO B 378 -24.42 -8.71 3.45
C PRO B 378 -23.80 -9.61 4.51
N TYR B 379 -24.64 -10.20 5.38
CA TYR B 379 -24.17 -11.09 6.48
C TYR B 379 -23.28 -12.21 5.89
N GLU B 380 -23.67 -12.78 4.75
CA GLU B 380 -22.94 -13.92 4.12
C GLU B 380 -21.49 -13.53 3.76
N PHE B 381 -21.15 -12.24 3.65
CA PHE B 381 -19.78 -11.76 3.37
C PHE B 381 -19.08 -11.18 4.62
N THR B 382 -19.60 -11.42 5.83
CA THR B 382 -18.88 -11.04 7.08
C THR B 382 -18.09 -12.27 7.52
N CYS B 383 -17.09 -12.08 8.40
CA CYS B 383 -16.33 -13.18 9.03
C CYS B 383 -17.31 -14.19 9.65
N GLU B 384 -18.25 -13.73 10.48
CA GLU B 384 -19.18 -14.66 11.16
C GLU B 384 -20.05 -15.40 10.14
N GLY B 385 -20.60 -14.69 9.16
CA GLY B 385 -21.45 -15.31 8.13
C GLY B 385 -20.66 -16.35 7.34
N MET B 386 -19.42 -16.07 6.96
CA MET B 386 -18.61 -17.06 6.20
C MET B 386 -18.28 -18.26 7.09
N LEU B 387 -17.90 -18.03 8.35
CA LEU B 387 -17.61 -19.15 9.28
C LEU B 387 -18.83 -20.05 9.42
N GLN B 388 -20.02 -19.47 9.62
CA GLN B 388 -21.28 -20.22 9.79
C GLN B 388 -21.50 -21.08 8.53
N ARG B 389 -21.35 -20.48 7.37
CA ARG B 389 -21.60 -21.17 6.09
C ARG B 389 -20.63 -22.34 5.93
N ILE B 390 -19.33 -22.09 6.08
CA ILE B 390 -18.34 -23.15 5.78
C ILE B 390 -18.44 -24.21 6.90
N ASN B 391 -18.81 -23.80 8.12
CA ASN B 391 -18.96 -24.79 9.22
C ASN B 391 -20.12 -25.72 8.90
N ALA B 392 -21.25 -25.20 8.38
CA ALA B 392 -22.41 -26.04 7.99
C ALA B 392 -21.97 -26.97 6.85
N PHE B 393 -21.27 -26.50 5.83
CA PHE B 393 -20.85 -27.42 4.72
C PHE B 393 -19.97 -28.54 5.27
N ILE B 394 -18.97 -28.23 6.08
CA ILE B 394 -18.04 -29.25 6.61
C ILE B 394 -18.84 -30.26 7.42
N GLU B 395 -19.75 -29.80 8.30
CA GLU B 395 -20.44 -30.68 9.27
C GLU B 395 -21.55 -31.48 8.57
N LYS B 396 -22.20 -30.92 7.53
CA LYS B 396 -23.52 -31.43 7.07
C LYS B 396 -23.49 -31.88 5.61
N GLN B 397 -22.65 -31.33 4.75
CA GLN B 397 -22.72 -31.62 3.29
C GLN B 397 -21.88 -32.87 3.05
N ASP B 398 -22.50 -33.98 2.65
CA ASP B 398 -21.83 -35.30 2.52
C ASP B 398 -22.25 -35.92 1.19
N PHE B 399 -21.30 -36.17 0.31
CA PHE B 399 -21.53 -36.84 -1.00
C PHE B 399 -20.96 -38.26 -0.95
N CYS B 400 -20.41 -38.67 0.21
CA CYS B 400 -19.76 -39.99 0.41
C CYS B 400 -20.71 -41.05 1.00
N HIS B 401 -22.00 -40.78 1.16
CA HIS B 401 -23.01 -41.82 1.51
C HIS B 401 -24.05 -41.80 0.40
N GLY B 402 -23.54 -42.02 -0.81
CA GLY B 402 -24.13 -41.68 -2.11
C GLY B 402 -23.01 -41.65 -3.12
N MET B 405 -29.22 -36.92 5.52
CA MET B 405 -29.76 -36.12 4.38
C MET B 405 -29.79 -34.63 4.75
N TRP B 406 -29.14 -33.79 3.94
CA TRP B 406 -28.98 -32.34 4.20
C TRP B 406 -28.86 -31.60 2.87
N PRO B 407 -29.66 -30.53 2.63
CA PRO B 407 -30.66 -30.02 3.58
C PRO B 407 -31.77 -31.02 3.89
N PRO B 408 -32.43 -30.88 5.07
CA PRO B 408 -33.49 -31.78 5.49
C PRO B 408 -34.71 -31.62 4.57
N LEU B 409 -35.48 -32.71 4.42
CA LEU B 409 -36.65 -32.83 3.52
C LEU B 409 -37.74 -31.85 3.95
N SER B 410 -37.82 -31.50 5.24
CA SER B 410 -38.77 -30.48 5.78
C SER B 410 -38.65 -29.15 5.00
N ALA B 411 -37.51 -28.86 4.37
CA ALA B 411 -37.26 -27.55 3.72
C ALA B 411 -37.80 -27.55 2.28
N LEU B 412 -38.13 -28.71 1.71
CA LEU B 412 -38.59 -28.81 0.30
C LEU B 412 -39.93 -28.08 0.15
N GLN B 413 -39.99 -27.10 -0.74
CA GLN B 413 -41.24 -26.51 -1.29
C GLN B 413 -41.18 -26.70 -2.81
N VAL B 414 -42.14 -27.45 -3.36
CA VAL B 414 -42.18 -27.76 -4.81
C VAL B 414 -42.88 -26.60 -5.53
N LYS B 415 -42.29 -26.16 -6.65
CA LYS B 415 -42.91 -25.12 -7.52
C LYS B 415 -42.89 -25.62 -8.95
N LEU B 416 -43.93 -25.27 -9.70
CA LEU B 416 -44.03 -25.55 -11.15
C LEU B 416 -43.59 -24.30 -11.88
N ALA B 417 -42.52 -24.41 -12.67
CA ALA B 417 -42.03 -23.36 -13.58
C ALA B 417 -42.89 -23.39 -14.85
N GLU B 418 -43.31 -22.21 -15.34
CA GLU B 418 -43.99 -22.09 -16.64
C GLU B 418 -43.03 -22.48 -17.77
N PRO B 419 -43.55 -22.75 -18.99
CA PRO B 419 -42.69 -22.90 -20.16
C PRO B 419 -41.80 -21.66 -20.33
N GLY B 420 -40.52 -21.88 -20.67
CA GLY B 420 -39.54 -20.80 -20.84
C GLY B 420 -39.04 -20.26 -19.51
N GLN B 421 -39.41 -20.86 -18.38
CA GLN B 421 -38.91 -20.53 -17.01
C GLN B 421 -38.05 -21.69 -16.48
N SER B 422 -36.91 -21.42 -15.85
CA SER B 422 -36.03 -22.44 -15.23
C SER B 422 -36.52 -22.73 -13.82
N CYS B 423 -36.02 -23.81 -13.22
CA CYS B 423 -36.21 -24.08 -11.78
C CYS B 423 -35.52 -22.98 -10.97
N LYS B 424 -34.35 -22.51 -11.40
CA LYS B 424 -33.66 -21.39 -10.69
C LYS B 424 -34.62 -20.17 -10.61
N GLN B 425 -35.19 -19.80 -11.75
CA GLN B 425 -36.12 -18.64 -11.92
C GLN B 425 -37.36 -18.78 -11.03
N VAL B 426 -38.08 -19.91 -11.04
CA VAL B 426 -39.40 -20.02 -10.32
C VAL B 426 -39.17 -20.01 -8.81
N CYS B 427 -38.09 -20.61 -8.29
CA CYS B 427 -37.76 -20.55 -6.84
C CYS B 427 -37.50 -19.07 -6.47
N GLN B 428 -36.66 -18.40 -7.26
CA GLN B 428 -36.21 -17.01 -7.01
C GLN B 428 -37.44 -16.07 -6.98
N GLU B 429 -38.40 -16.26 -7.90
CA GLU B 429 -39.60 -15.38 -8.05
C GLU B 429 -40.52 -15.55 -6.82
N SER B 430 -40.36 -16.62 -6.04
CA SER B 430 -41.13 -16.87 -4.80
C SER B 430 -40.27 -16.62 -3.57
N GLN B 431 -39.16 -15.89 -3.71
CA GLN B 431 -38.23 -15.59 -2.59
C GLN B 431 -37.71 -16.90 -1.98
N LEU B 432 -37.45 -17.90 -2.82
CA LEU B 432 -36.85 -19.20 -2.42
C LEU B 432 -35.59 -19.45 -3.27
N ILE B 433 -34.92 -20.59 -3.12
CA ILE B 433 -33.77 -20.95 -3.99
C ILE B 433 -33.88 -22.43 -4.35
N CYS B 434 -33.59 -22.76 -5.61
CA CYS B 434 -33.59 -24.14 -6.12
C CYS B 434 -32.57 -24.95 -5.29
N GLU B 435 -32.94 -26.17 -4.96
CA GLU B 435 -32.17 -27.04 -4.05
C GLU B 435 -32.03 -28.39 -4.75
N PRO B 436 -30.93 -28.58 -5.48
CA PRO B 436 -30.83 -29.71 -6.40
C PRO B 436 -30.83 -31.07 -5.68
N SER B 437 -30.51 -31.09 -4.38
CA SER B 437 -30.41 -32.35 -3.62
C SER B 437 -31.82 -32.96 -3.41
N PHE B 438 -32.89 -32.17 -3.65
CA PHE B 438 -34.30 -32.62 -3.51
C PHE B 438 -34.87 -33.18 -4.83
N PHE B 439 -34.18 -33.09 -5.98
CA PHE B 439 -34.70 -33.57 -7.29
C PHE B 439 -35.09 -35.06 -7.19
N GLN B 440 -34.30 -35.84 -6.46
CA GLN B 440 -34.50 -37.31 -6.25
C GLN B 440 -35.87 -37.59 -5.58
N HIS B 441 -36.39 -36.69 -4.75
CA HIS B 441 -37.72 -36.81 -4.10
C HIS B 441 -38.87 -36.41 -5.04
N LEU B 442 -38.58 -36.00 -6.29
CA LEU B 442 -39.62 -35.45 -7.22
C LEU B 442 -39.62 -36.25 -8.50
N ASN B 443 -39.14 -37.50 -8.46
CA ASN B 443 -38.79 -38.23 -9.70
C ASN B 443 -39.58 -39.54 -9.84
N LYS B 444 -40.88 -39.57 -9.47
CA LYS B 444 -41.81 -40.70 -9.78
C LYS B 444 -43.26 -40.33 -9.40
N ASP B 445 -44.21 -41.00 -10.06
CA ASP B 445 -45.67 -40.72 -10.02
C ASP B 445 -46.14 -40.53 -8.57
N LYS B 446 -45.78 -41.47 -7.69
CA LYS B 446 -46.31 -41.53 -6.30
C LYS B 446 -45.74 -40.39 -5.45
N ASP B 447 -44.51 -39.95 -5.76
CA ASP B 447 -43.86 -38.81 -5.06
C ASP B 447 -44.57 -37.52 -5.46
N MET B 448 -44.96 -37.37 -6.72
CA MET B 448 -45.67 -36.17 -7.25
C MET B 448 -46.99 -35.95 -6.47
N LEU B 449 -47.75 -37.04 -6.25
CA LEU B 449 -49.08 -37.00 -5.56
C LEU B 449 -48.96 -36.09 -4.33
N LYS B 450 -47.91 -36.31 -3.53
CA LYS B 450 -47.61 -35.56 -2.28
C LYS B 450 -47.61 -34.04 -2.52
N TYR B 451 -47.31 -33.61 -3.75
CA TYR B 451 -47.13 -32.18 -4.14
C TYR B 451 -48.26 -31.76 -5.10
N LYS B 452 -49.43 -32.37 -4.96
CA LYS B 452 -50.71 -32.02 -5.66
C LYS B 452 -50.49 -31.95 -7.17
N VAL B 453 -49.63 -32.82 -7.72
CA VAL B 453 -49.44 -33.05 -9.18
C VAL B 453 -49.72 -34.53 -9.44
N THR B 454 -50.64 -34.84 -10.37
CA THR B 454 -51.14 -36.21 -10.67
C THR B 454 -50.78 -36.57 -12.11
N CYS B 455 -49.95 -37.61 -12.28
CA CYS B 455 -49.41 -38.06 -13.58
C CYS B 455 -50.35 -39.11 -14.19
N GLN B 456 -51.19 -38.69 -15.14
CA GLN B 456 -52.14 -39.58 -15.88
C GLN B 456 -51.34 -40.65 -16.62
N SER B 457 -50.19 -40.26 -17.20
CA SER B 457 -49.16 -41.15 -17.78
C SER B 457 -47.76 -40.63 -17.44
N SER B 458 -46.70 -41.33 -17.88
CA SER B 458 -45.29 -40.92 -17.68
C SER B 458 -44.33 -41.72 -18.55
N GLU B 459 -43.13 -41.18 -18.77
CA GLU B 459 -41.96 -41.86 -19.40
C GLU B 459 -40.67 -41.34 -18.75
N LEU B 460 -39.53 -41.92 -19.14
CA LEU B 460 -38.16 -41.54 -18.68
C LEU B 460 -37.42 -40.88 -19.84
N ALA B 461 -36.67 -39.81 -19.57
CA ALA B 461 -35.76 -39.14 -20.54
C ALA B 461 -34.46 -38.82 -19.80
N LYS B 462 -33.34 -38.87 -20.50
CA LYS B 462 -32.02 -38.37 -20.02
C LYS B 462 -31.86 -36.93 -20.52
N ASP B 463 -32.31 -35.95 -19.72
CA ASP B 463 -32.38 -34.52 -20.12
C ASP B 463 -32.31 -33.66 -18.86
N ILE B 464 -31.64 -32.50 -18.94
CA ILE B 464 -31.55 -31.52 -17.81
C ILE B 464 -32.94 -30.93 -17.53
N LEU B 465 -33.91 -31.04 -18.44
CA LEU B 465 -35.20 -30.30 -18.33
C LEU B 465 -36.30 -31.13 -17.65
N VAL B 466 -35.99 -32.34 -17.15
CA VAL B 466 -36.98 -33.22 -16.44
C VAL B 466 -36.50 -33.43 -15.00
N PRO B 467 -37.41 -33.64 -14.02
CA PRO B 467 -38.83 -33.92 -14.28
C PRO B 467 -39.67 -32.76 -14.84
N SER B 468 -40.49 -33.06 -15.86
CA SER B 468 -41.40 -32.09 -16.51
C SER B 468 -42.86 -32.58 -16.43
N PHE B 469 -43.81 -31.66 -16.61
CA PHE B 469 -45.26 -31.89 -16.47
C PHE B 469 -45.98 -31.13 -17.59
N ASP B 470 -46.74 -31.85 -18.41
CA ASP B 470 -47.65 -31.24 -19.42
C ASP B 470 -49.02 -31.12 -18.78
N PRO B 471 -49.51 -29.91 -18.45
CA PRO B 471 -50.75 -29.77 -17.68
C PRO B 471 -52.02 -30.01 -18.54
N LYS B 472 -51.87 -30.08 -19.86
CA LYS B 472 -52.94 -30.42 -20.84
C LYS B 472 -53.23 -31.92 -20.77
N ASN B 473 -52.22 -32.74 -21.08
CA ASN B 473 -52.23 -34.22 -21.21
C ASN B 473 -52.04 -34.88 -19.83
N LYS B 474 -51.64 -34.11 -18.81
CA LYS B 474 -51.25 -34.61 -17.47
C LYS B 474 -50.16 -35.70 -17.61
N HIS B 475 -49.27 -35.52 -18.59
CA HIS B 475 -48.12 -36.43 -18.88
C HIS B 475 -46.88 -35.95 -18.09
N CYS B 476 -46.30 -36.81 -17.25
CA CYS B 476 -45.03 -36.55 -16.50
C CYS B 476 -43.85 -37.23 -17.22
N VAL B 477 -42.76 -36.48 -17.48
CA VAL B 477 -41.46 -37.07 -17.92
C VAL B 477 -40.50 -37.02 -16.74
N PHE B 478 -39.87 -38.15 -16.41
CA PHE B 478 -38.99 -38.29 -15.24
C PHE B 478 -37.55 -38.45 -15.71
N GLN B 479 -36.63 -38.20 -14.79
CA GLN B 479 -35.18 -38.15 -15.07
C GLN B 479 -34.68 -39.59 -15.12
N GLY B 480 -34.05 -39.99 -16.23
CA GLY B 480 -33.44 -41.32 -16.37
C GLY B 480 -31.95 -41.32 -16.10
N ASP B 481 -31.30 -40.15 -16.03
CA ASP B 481 -29.85 -40.02 -15.70
C ASP B 481 -29.73 -39.02 -14.56
N LEU B 482 -29.51 -39.52 -13.35
CA LEU B 482 -29.56 -38.75 -12.09
C LEU B 482 -28.48 -37.65 -12.10
N LEU B 483 -27.41 -37.80 -12.88
CA LEU B 483 -26.34 -36.77 -13.01
C LEU B 483 -26.86 -35.56 -13.80
N LEU B 484 -28.01 -35.67 -14.46
CA LEU B 484 -28.54 -34.56 -15.28
C LEU B 484 -29.59 -33.74 -14.53
N PHE B 485 -29.90 -34.02 -13.26
CA PHE B 485 -30.74 -33.10 -12.44
C PHE B 485 -30.15 -31.68 -12.49
N SER B 486 -30.97 -30.67 -12.74
CA SER B 486 -30.49 -29.32 -13.15
C SER B 486 -31.48 -28.24 -12.75
N CYS B 487 -31.07 -27.34 -11.84
CA CYS B 487 -31.79 -26.08 -11.53
C CYS B 487 -31.81 -25.20 -12.80
N ALA B 488 -30.70 -25.18 -13.54
CA ALA B 488 -30.54 -24.47 -14.84
C ALA B 488 -31.43 -25.11 -15.91
N GLY B 489 -31.94 -24.29 -16.84
CA GLY B 489 -32.65 -24.79 -18.04
C GLY B 489 -34.16 -24.62 -17.96
N ALA B 490 -34.75 -24.01 -18.98
CA ALA B 490 -36.22 -23.81 -19.15
C ALA B 490 -36.76 -24.77 -20.20
N HIS B 491 -37.88 -25.46 -19.93
CA HIS B 491 -38.59 -26.30 -20.93
C HIS B 491 -39.34 -25.37 -21.89
N PRO B 492 -39.17 -25.54 -23.23
CA PRO B 492 -39.84 -24.67 -24.19
C PRO B 492 -41.38 -24.82 -24.20
N ARG B 493 -41.91 -26.02 -23.92
CA ARG B 493 -43.36 -26.39 -24.08
C ARG B 493 -44.04 -26.70 -22.73
N HIS B 494 -43.36 -27.41 -21.84
CA HIS B 494 -43.96 -28.02 -20.61
C HIS B 494 -43.52 -27.24 -19.37
N GLN B 495 -44.20 -27.47 -18.25
CA GLN B 495 -43.82 -26.97 -16.91
C GLN B 495 -42.66 -27.83 -16.37
N ARG B 496 -41.75 -27.25 -15.60
CA ARG B 496 -40.75 -28.04 -14.84
C ARG B 496 -41.24 -28.22 -13.40
N VAL B 497 -41.07 -29.41 -12.84
CA VAL B 497 -41.29 -29.70 -11.39
C VAL B 497 -39.96 -29.38 -10.69
N CYS B 498 -39.99 -28.38 -9.79
CA CYS B 498 -38.78 -27.68 -9.30
C CYS B 498 -38.69 -27.80 -7.80
N PRO B 499 -37.54 -28.29 -7.28
CA PRO B 499 -37.28 -28.34 -5.84
C PRO B 499 -36.74 -27.01 -5.34
N CYS B 500 -37.51 -26.31 -4.49
CA CYS B 500 -37.09 -25.04 -3.88
C CYS B 500 -36.91 -25.30 -2.39
N ARG B 501 -36.12 -24.44 -1.75
CA ARG B 501 -35.98 -24.38 -0.29
C ARG B 501 -36.04 -22.91 0.09
N ASP B 502 -36.34 -22.66 1.37
CA ASP B 502 -36.19 -21.34 2.01
C ASP B 502 -34.69 -21.12 2.24
N PHE B 503 -34.31 -19.85 2.36
CA PHE B 503 -32.97 -19.40 2.80
C PHE B 503 -33.16 -18.33 3.86
N ILE B 504 -32.20 -18.29 4.78
CA ILE B 504 -31.98 -17.19 5.76
C ILE B 504 -31.58 -15.94 4.96
N LYS B 505 -32.34 -14.85 5.07
CA LYS B 505 -31.95 -13.52 4.50
C LYS B 505 -30.52 -13.20 4.94
N GLY B 506 -29.67 -12.78 4.01
CA GLY B 506 -28.24 -12.53 4.26
C GLY B 506 -27.39 -13.79 4.29
N GLN B 507 -28.00 -14.99 4.21
CA GLN B 507 -27.26 -16.29 4.16
C GLN B 507 -27.97 -17.29 3.23
N VAL B 508 -27.88 -17.06 1.91
CA VAL B 508 -28.71 -17.79 0.90
C VAL B 508 -28.25 -19.25 0.79
N ALA B 509 -27.01 -19.58 1.17
CA ALA B 509 -26.48 -20.96 1.11
C ALA B 509 -27.21 -21.90 2.07
N LEU B 510 -27.87 -21.37 3.10
CA LEU B 510 -28.39 -22.17 4.23
C LEU B 510 -29.89 -22.00 4.36
N CYS B 511 -30.63 -23.11 4.48
CA CYS B 511 -32.08 -23.09 4.80
C CYS B 511 -32.24 -22.79 6.30
N LYS B 512 -33.42 -22.35 6.73
CA LYS B 512 -33.64 -21.97 8.15
C LYS B 512 -33.23 -23.11 9.08
N ASP B 513 -33.52 -24.39 8.74
CA ASP B 513 -33.26 -25.56 9.63
C ASP B 513 -32.00 -26.31 9.20
N CYS B 514 -31.02 -25.64 8.60
CA CYS B 514 -29.80 -26.27 8.03
C CYS B 514 -28.59 -26.16 8.97
N LEU B 515 -28.70 -25.51 10.14
CA LEU B 515 -27.50 -25.25 10.99
C LEU B 515 -27.13 -26.49 11.81
C1 EDO C . 21.85 -3.94 15.78
O1 EDO C . 21.99 -4.37 17.13
C2 EDO C . 20.59 -3.20 15.58
O2 EDO C . 19.73 -3.33 16.69
H11 EDO C . 21.86 -4.72 15.19
H12 EDO C . 22.61 -3.37 15.54
HO1 EDO C . 22.81 -4.74 17.16
H21 EDO C . 20.14 -3.53 14.78
H22 EDO C . 20.80 -2.24 15.44
HO2 EDO C . 20.14 -3.72 17.31
C1 EDO D . 24.26 14.69 15.87
O1 EDO D . 23.21 13.89 16.36
C2 EDO D . 25.60 14.29 16.40
O2 EDO D . 25.64 14.36 17.80
H11 EDO D . 24.10 15.63 16.12
H12 EDO D . 24.29 14.64 14.89
HO1 EDO D . 22.39 14.08 16.09
H21 EDO D . 26.29 14.87 16.03
H22 EDO D . 25.78 13.37 16.12
HO2 EDO D . 26.08 15.04 18.03
C1 EDO E . 15.23 -19.92 0.69
O1 EDO E . 16.37 -19.87 -0.15
C2 EDO E . 15.54 -19.45 2.06
O2 EDO E . 16.30 -18.26 2.08
H11 EDO E . 14.90 -20.83 0.73
H12 EDO E . 14.53 -19.35 0.31
HO1 EDO E . 16.09 -20.11 -1.07
H21 EDO E . 16.02 -20.16 2.54
H22 EDO E . 14.69 -19.29 2.53
HO2 EDO E . 16.50 -18.03 1.29
S SO4 F . -4.78 38.54 5.73
O1 SO4 F . -5.31 37.21 5.53
O2 SO4 F . -3.83 38.54 6.81
O3 SO4 F . -4.16 38.99 4.52
O4 SO4 F . -5.86 39.44 6.07
S SO4 G . 14.56 32.74 26.82
O1 SO4 G . 14.91 31.77 25.82
O2 SO4 G . 13.73 32.13 27.83
O3 SO4 G . 15.77 33.25 27.43
O4 SO4 G . 13.86 33.83 26.21
S SO4 H . -2.54 3.14 8.97
O1 SO4 H . -1.64 2.04 8.85
O2 SO4 H . -3.69 2.95 8.13
O3 SO4 H . -1.87 4.34 8.58
O4 SO4 H . -2.97 3.25 10.35
S SO4 I . 14.01 6.23 0.52
O1 SO4 I . 14.63 5.50 -0.55
O2 SO4 I . 12.81 5.54 0.95
O3 SO4 I . 14.91 6.35 1.61
O4 SO4 I . 13.66 7.54 0.05
C1 EDO J . -24.42 5.19 -1.11
O1 EDO J . -24.91 6.52 -1.10
C2 EDO J . -24.43 4.59 0.25
O2 EDO J . -23.21 4.79 0.93
H11 EDO J . -23.50 5.19 -1.45
H12 EDO J . -24.97 4.64 -1.71
HO1 EDO J . -24.93 6.72 -1.90
H21 EDO J . -24.60 3.63 0.16
H22 EDO J . -25.16 5.00 0.76
HO2 EDO J . -22.93 5.57 0.78
C1 EDO K . -16.46 -42.91 -4.62
O1 EDO K . -17.72 -43.52 -4.52
C2 EDO K . -16.55 -41.44 -4.55
O2 EDO K . -15.43 -40.90 -3.91
H11 EDO K . -16.05 -43.18 -5.48
H12 EDO K . -15.88 -43.23 -3.89
HO1 EDO K . -17.53 -44.35 -4.69
H21 EDO K . -17.37 -41.19 -4.08
H22 EDO K . -16.61 -41.08 -5.47
HO2 EDO K . -14.73 -41.21 -4.25
C1 EDO L . -11.37 -7.73 -8.86
O1 EDO L . -12.03 -7.18 -7.77
C2 EDO L . -10.10 -8.31 -8.39
O2 EDO L . -9.69 -7.75 -7.17
H11 EDO L . -11.19 -7.04 -9.52
H12 EDO L . -11.93 -8.43 -9.26
HO1 EDO L . -12.68 -6.84 -8.25
H21 EDO L . -9.42 -8.15 -9.07
H22 EDO L . -10.22 -9.28 -8.29
HO2 EDO L . -10.21 -8.02 -6.56
C1 EDO M . -14.81 -9.49 -21.76
O1 EDO M . -14.31 -8.36 -21.10
C2 EDO M . -13.87 -9.93 -22.82
O2 EDO M . -14.45 -10.86 -23.69
H11 EDO M . -15.68 -9.29 -22.16
H12 EDO M . -14.92 -10.23 -21.11
HO1 EDO M . -14.94 -8.09 -20.50
H21 EDO M . -13.07 -10.32 -22.41
H22 EDO M . -13.60 -9.14 -23.33
HO2 EDO M . -15.05 -10.48 -24.15
C1 NAG N . -14.86 18.92 -5.66
C2 NAG N . -14.67 19.77 -6.93
C3 NAG N . -13.50 20.75 -6.71
C4 NAG N . -13.48 21.43 -5.33
C5 NAG N . -13.80 20.48 -4.18
C6 NAG N . -13.95 21.24 -2.85
C7 NAG N . -15.32 18.66 -9.10
C8 NAG N . -14.78 18.04 -10.38
N2 NAG N . -14.40 18.98 -8.15
O3 NAG N . -13.58 21.76 -7.72
O4 NAG N . -12.17 22.00 -5.12
O5 NAG N . -14.99 19.77 -4.51
O6 NAG N . -15.10 20.84 -2.10
O7 NAG N . -16.51 18.90 -8.99
H1 NAG N . -13.97 18.30 -5.55
H2 NAG N . -15.59 20.36 -7.08
H3 NAG N . -12.56 20.18 -6.83
H4 NAG N . -14.23 22.22 -5.35
H5 NAG N . -12.97 19.77 -4.07
H61 NAG N . -14.01 22.31 -3.04
H62 NAG N . -13.06 21.06 -2.25
H81 NAG N . -14.07 17.30 -10.13
H82 NAG N . -15.59 17.60 -10.92
H83 NAG N . -14.34 18.79 -10.98
HN2 NAG N . -13.44 18.73 -8.32
HO3 NAG N . -12.78 22.24 -7.68
HO4 NAG N . -12.18 22.37 -4.26
HO6 NAG N . -15.31 21.31 -1.29
C1 EDO O . -21.04 -23.20 -23.71
O1 EDO O . -21.44 -21.97 -24.23
C2 EDO O . -19.57 -23.47 -23.86
O2 EDO O . -18.78 -22.77 -22.94
H11 EDO O . -21.53 -23.92 -24.15
H12 EDO O . -21.26 -23.23 -22.75
HO1 EDO O . -22.22 -21.89 -24.15
H21 EDO O . -19.30 -23.21 -24.76
H22 EDO O . -19.41 -24.43 -23.75
HO2 EDO O . -19.25 -22.21 -22.52
S SO4 P . 8.22 -16.67 3.44
O1 SO4 P . 8.65 -17.13 2.15
O2 SO4 P . 6.99 -17.32 3.81
O3 SO4 P . 9.22 -16.98 4.42
O4 SO4 P . 7.97 -15.25 3.40
S SO4 Q . -0.32 -37.81 9.66
O1 SO4 Q . -0.07 -39.20 9.96
O2 SO4 Q . -1.72 -37.64 9.34
O3 SO4 Q . 0.49 -37.41 8.56
O4 SO4 Q . -0.02 -37.01 10.82
S SO4 R . -26.87 -29.28 17.32
O1 SO4 R . -26.08 -30.47 17.28
O2 SO4 R . -28.16 -29.54 16.74
O3 SO4 R . -26.24 -28.23 16.58
O4 SO4 R . -27.01 -28.84 18.69
S SO4 S . 5.29 -27.10 -9.33
O1 SO4 S . 6.71 -27.26 -9.18
O2 SO4 S . 4.64 -28.16 -8.62
O3 SO4 S . 4.91 -27.18 -10.71
O4 SO4 S . 4.89 -25.81 -8.83
S SO4 T . -16.16 -9.55 -26.36
O1 SO4 T . -16.53 -10.87 -26.78
O2 SO4 T . -16.13 -9.45 -24.93
O3 SO4 T . -14.85 -9.25 -26.89
O4 SO4 T . -17.12 -8.61 -26.89
S SO4 U . -20.32 -3.54 -25.41
O1 SO4 U . -20.46 -4.38 -26.58
O2 SO4 U . -19.42 -4.16 -24.48
O3 SO4 U . -19.80 -2.27 -25.80
O4 SO4 U . -21.60 -3.36 -24.79
#